data_1NY9
#
_entry.id   1NY9
#
_entity_poly.entity_id   1
_entity_poly.type   'polypeptide(L)'
_entity_poly.pdbx_seq_one_letter_code
;GINLTPEEKFEVFGDFDPDQYEEEVRERWGNTDAYRQSKEKTASYTKEDWQRIQDEADELTRRFVALMDAGEPADSEGAM
DAAEDHRQGIARNHYDCGYEMHTCLGEMYVSDERFTRNIDAAKPGLAAYMRDAILANAVRHTP
;
_entity_poly.pdbx_strand_id   A
#
# COMPACT_ATOMS: atom_id res chain seq x y z
N TRP A 50 -13.99 -5.28 17.30
CA TRP A 50 -13.54 -6.49 16.56
C TRP A 50 -12.14 -6.89 17.06
N GLN A 51 -11.34 -5.94 17.42
CA GLN A 51 -9.96 -6.24 17.92
C GLN A 51 -9.16 -6.97 16.83
N ARG A 52 -9.78 -7.27 15.71
CA ARG A 52 -9.04 -7.98 14.62
C ARG A 52 -8.30 -6.95 13.76
N ILE A 53 -7.08 -6.64 14.11
CA ILE A 53 -6.31 -5.65 13.31
C ILE A 53 -5.60 -6.35 12.16
N GLN A 54 -6.14 -7.45 11.70
CA GLN A 54 -5.51 -8.21 10.55
C GLN A 54 -6.49 -8.20 9.36
N ASP A 55 -7.71 -8.56 9.60
CA ASP A 55 -8.72 -8.58 8.49
C ASP A 55 -8.81 -7.20 7.84
N GLU A 56 -8.65 -6.15 8.63
CA GLU A 56 -8.76 -4.79 8.06
C GLU A 56 -7.69 -4.55 7.01
N ALA A 57 -6.47 -4.93 7.28
CA ALA A 57 -5.40 -4.77 6.26
C ALA A 57 -5.78 -5.62 5.05
N ASP A 58 -6.31 -6.78 5.27
CA ASP A 58 -6.67 -7.62 4.12
C ASP A 58 -7.71 -6.93 3.23
N GLU A 59 -8.57 -6.10 3.79
CA GLU A 59 -9.56 -5.36 2.95
C GLU A 59 -8.84 -4.44 1.97
N LEU A 60 -7.72 -3.92 2.39
CA LEU A 60 -6.94 -2.99 1.53
C LEU A 60 -6.40 -3.75 0.31
N THR A 61 -5.84 -4.90 0.55
CA THR A 61 -5.29 -5.70 -0.56
C THR A 61 -6.37 -5.87 -1.63
N ARG A 62 -7.51 -6.35 -1.24
CA ARG A 62 -8.62 -6.49 -2.19
C ARG A 62 -8.92 -5.15 -2.81
N ARG A 63 -8.85 -4.13 -2.03
CA ARG A 63 -9.14 -2.80 -2.56
C ARG A 63 -8.08 -2.43 -3.58
N PHE A 64 -6.82 -2.60 -3.23
CA PHE A 64 -5.72 -2.28 -4.19
C PHE A 64 -5.78 -3.22 -5.38
N VAL A 65 -5.93 -4.47 -5.10
CA VAL A 65 -6.00 -5.48 -6.16
C VAL A 65 -7.18 -5.19 -7.04
N ALA A 66 -8.24 -4.80 -6.45
CA ALA A 66 -9.43 -4.44 -7.28
C ALA A 66 -9.01 -3.36 -8.28
N LEU A 67 -8.14 -2.47 -7.88
CA LEU A 67 -7.64 -1.44 -8.81
C LEU A 67 -6.88 -2.12 -9.93
N MET A 68 -6.08 -3.07 -9.60
CA MET A 68 -5.35 -3.77 -10.66
C MET A 68 -6.34 -4.34 -11.64
N ASP A 69 -7.39 -4.90 -11.13
CA ASP A 69 -8.37 -5.55 -12.03
C ASP A 69 -8.79 -4.55 -13.09
N ALA A 70 -9.05 -3.34 -12.68
CA ALA A 70 -9.42 -2.29 -13.67
C ALA A 70 -8.14 -1.82 -14.36
N GLY A 71 -7.01 -2.15 -13.80
CA GLY A 71 -5.74 -1.67 -14.40
C GLY A 71 -5.78 -0.14 -14.39
N GLU A 72 -6.23 0.43 -13.30
CA GLU A 72 -6.27 1.90 -13.19
C GLU A 72 -4.83 2.39 -13.03
N PRO A 73 -4.62 3.67 -13.17
CA PRO A 73 -3.28 4.27 -12.96
C PRO A 73 -3.03 4.34 -11.45
N ALA A 74 -1.98 3.76 -10.98
CA ALA A 74 -1.72 3.78 -9.51
C ALA A 74 -1.80 5.21 -9.01
N ASP A 75 -1.73 6.13 -9.91
CA ASP A 75 -1.84 7.57 -9.54
C ASP A 75 -3.30 7.97 -9.60
N SER A 76 -4.17 7.00 -9.61
CA SER A 76 -5.64 7.31 -9.65
C SER A 76 -6.07 7.92 -8.32
N GLU A 77 -6.73 9.03 -8.38
CA GLU A 77 -7.25 9.69 -7.14
C GLU A 77 -7.91 8.63 -6.28
N GLY A 78 -8.67 7.78 -6.90
CA GLY A 78 -9.33 6.68 -6.14
C GLY A 78 -8.25 5.78 -5.57
N ALA A 79 -7.33 5.42 -6.39
CA ALA A 79 -6.21 4.57 -5.94
C ALA A 79 -5.36 5.34 -4.94
N MET A 80 -4.93 6.51 -5.33
CA MET A 80 -4.12 7.35 -4.47
C MET A 80 -4.92 7.65 -3.22
N ASP A 81 -6.18 7.94 -3.39
CA ASP A 81 -7.01 8.21 -2.20
C ASP A 81 -6.91 6.96 -1.33
N ALA A 82 -6.84 5.84 -1.99
CA ALA A 82 -6.67 4.58 -1.27
C ALA A 82 -5.34 4.66 -0.55
N ALA A 83 -4.35 5.16 -1.24
CA ALA A 83 -3.04 5.33 -0.58
C ALA A 83 -3.27 6.19 0.66
N GLU A 84 -4.03 7.25 0.53
CA GLU A 84 -4.29 8.08 1.72
C GLU A 84 -4.94 7.21 2.78
N ASP A 85 -5.92 6.45 2.39
CA ASP A 85 -6.56 5.53 3.37
C ASP A 85 -5.49 4.55 3.87
N HIS A 86 -4.75 3.98 2.96
CA HIS A 86 -3.67 3.03 3.36
C HIS A 86 -2.83 3.65 4.47
N ARG A 87 -2.22 4.77 4.17
CA ARG A 87 -1.39 5.48 5.18
C ARG A 87 -2.19 5.77 6.45
N GLN A 88 -3.40 6.23 6.30
CA GLN A 88 -4.22 6.55 7.50
C GLN A 88 -4.38 5.31 8.38
N GLY A 89 -4.72 4.19 7.78
CA GLY A 89 -4.92 2.95 8.59
C GLY A 89 -3.58 2.49 9.17
N ILE A 90 -2.52 2.53 8.40
CA ILE A 90 -1.21 2.10 8.93
C ILE A 90 -0.79 3.03 10.06
N ALA A 91 -0.68 4.30 9.77
CA ALA A 91 -0.29 5.29 10.81
C ALA A 91 -1.24 5.21 12.00
N ARG A 92 -2.50 4.95 11.78
CA ARG A 92 -3.46 4.91 12.91
C ARG A 92 -3.08 3.77 13.86
N ASN A 93 -2.66 2.65 13.33
CA ASN A 93 -2.27 1.52 14.21
C ASN A 93 -1.15 1.98 15.15
N HIS A 94 -0.22 2.75 14.65
CA HIS A 94 0.89 3.24 15.51
C HIS A 94 1.52 4.48 14.85
N TYR A 95 2.27 5.25 15.60
CA TYR A 95 2.90 6.46 15.02
C TYR A 95 1.82 7.39 14.46
N ASP A 96 2.18 8.27 13.56
CA ASP A 96 1.18 9.20 12.98
C ASP A 96 1.63 9.63 11.57
N CYS A 97 1.47 10.88 11.24
CA CYS A 97 1.90 11.36 9.90
C CYS A 97 3.32 10.87 9.60
N GLY A 98 3.55 10.31 8.45
CA GLY A 98 4.92 9.81 8.12
C GLY A 98 4.97 9.31 6.68
N TYR A 99 4.80 10.20 5.72
CA TYR A 99 4.85 9.79 4.31
C TYR A 99 6.16 9.03 4.08
N GLU A 100 7.16 9.43 4.79
CA GLU A 100 8.49 8.78 4.68
C GLU A 100 8.40 7.33 5.17
N MET A 101 7.80 7.13 6.31
CA MET A 101 7.66 5.75 6.84
C MET A 101 6.86 4.94 5.83
N HIS A 102 5.98 5.60 5.14
CA HIS A 102 5.16 4.89 4.11
C HIS A 102 6.10 4.44 2.99
N THR A 103 7.00 5.29 2.61
CA THR A 103 7.98 4.93 1.55
C THR A 103 8.83 3.76 2.03
N CYS A 104 9.11 3.72 3.31
CA CYS A 104 9.95 2.63 3.87
C CYS A 104 9.26 1.29 3.66
N LEU A 105 7.97 1.22 3.85
CA LEU A 105 7.23 -0.06 3.64
C LEU A 105 7.34 -0.43 2.16
N GLY A 106 7.31 0.54 1.30
CA GLY A 106 7.41 0.26 -0.15
C GLY A 106 8.60 -0.66 -0.39
N GLU A 107 9.66 -0.49 0.35
CA GLU A 107 10.85 -1.36 0.18
C GLU A 107 10.45 -2.81 0.42
N MET A 108 9.88 -3.12 1.54
CA MET A 108 9.49 -4.54 1.80
C MET A 108 8.50 -5.01 0.74
N TYR A 109 7.68 -4.15 0.22
CA TYR A 109 6.70 -4.58 -0.83
C TYR A 109 7.48 -5.14 -2.03
N VAL A 110 8.78 -5.01 -2.03
CA VAL A 110 9.59 -5.50 -3.18
C VAL A 110 10.97 -5.97 -2.71
N SER A 111 11.52 -5.30 -1.73
CA SER A 111 12.87 -5.67 -1.23
C SER A 111 12.80 -6.91 -0.34
N ASP A 112 13.93 -7.37 0.11
CA ASP A 112 13.97 -8.55 1.02
C ASP A 112 12.99 -9.63 0.53
N GLU A 113 13.45 -10.55 -0.26
CA GLU A 113 12.56 -11.62 -0.79
C GLU A 113 11.75 -12.24 0.34
N ARG A 114 12.12 -12.01 1.57
CA ARG A 114 11.33 -12.62 2.69
C ARG A 114 9.95 -11.99 2.72
N PHE A 115 9.88 -10.69 2.72
CA PHE A 115 8.56 -10.01 2.77
C PHE A 115 7.90 -10.04 1.38
N THR A 116 8.61 -9.62 0.37
CA THR A 116 8.03 -9.61 -1.00
C THR A 116 7.29 -10.92 -1.28
N ARG A 117 7.97 -12.02 -1.10
CA ARG A 117 7.37 -13.36 -1.35
C ARG A 117 6.04 -13.55 -0.63
N ASN A 118 5.93 -13.10 0.59
CA ASN A 118 4.66 -13.31 1.36
C ASN A 118 3.55 -12.37 0.86
N ILE A 119 3.86 -11.12 0.69
CA ILE A 119 2.86 -10.14 0.22
C ILE A 119 2.29 -10.52 -1.15
N ASP A 120 3.14 -10.56 -2.11
CA ASP A 120 2.73 -10.85 -3.53
C ASP A 120 2.15 -12.26 -3.66
N ALA A 121 2.30 -13.07 -2.67
CA ALA A 121 1.77 -14.45 -2.76
C ALA A 121 0.26 -14.43 -3.03
N ALA A 122 -0.43 -13.43 -2.55
CA ALA A 122 -1.92 -13.36 -2.77
C ALA A 122 -2.24 -12.78 -4.15
N LYS A 123 -1.26 -12.39 -4.92
CA LYS A 123 -1.55 -11.82 -6.27
C LYS A 123 -0.19 -11.47 -6.90
N PRO A 124 0.11 -11.92 -8.09
CA PRO A 124 1.43 -11.62 -8.70
C PRO A 124 1.59 -10.18 -9.19
N GLY A 125 2.71 -9.60 -8.88
CA GLY A 125 3.01 -8.22 -9.34
C GLY A 125 2.32 -7.18 -8.46
N LEU A 126 1.44 -7.57 -7.58
CA LEU A 126 0.78 -6.53 -6.74
C LEU A 126 1.87 -5.74 -6.01
N ALA A 127 2.90 -6.42 -5.60
CA ALA A 127 4.01 -5.76 -4.87
C ALA A 127 4.60 -4.63 -5.73
N ALA A 128 5.03 -4.96 -6.90
CA ALA A 128 5.62 -3.94 -7.81
C ALA A 128 4.63 -2.81 -8.03
N TYR A 129 3.38 -3.14 -8.24
CA TYR A 129 2.38 -2.08 -8.51
C TYR A 129 2.23 -1.21 -7.26
N MET A 130 2.14 -1.83 -6.12
CA MET A 130 1.95 -1.05 -4.87
C MET A 130 3.09 -0.02 -4.73
N ARG A 131 4.30 -0.44 -4.93
CA ARG A 131 5.45 0.50 -4.86
C ARG A 131 5.13 1.73 -5.70
N ASP A 132 4.62 1.53 -6.87
CA ASP A 132 4.25 2.68 -7.74
C ASP A 132 3.17 3.52 -7.04
N ALA A 133 2.26 2.87 -6.39
CA ALA A 133 1.16 3.56 -5.67
C ALA A 133 1.67 4.47 -4.55
N ILE A 134 2.55 3.96 -3.77
CA ILE A 134 3.08 4.71 -2.60
C ILE A 134 3.75 6.02 -3.01
N LEU A 135 4.70 5.93 -3.88
CA LEU A 135 5.44 7.14 -4.31
C LEU A 135 4.52 8.17 -4.96
N ALA A 136 3.63 7.75 -5.82
CA ALA A 136 2.78 8.76 -6.49
C ALA A 136 2.03 9.56 -5.44
N ASN A 137 1.38 8.88 -4.54
CA ASN A 137 0.67 9.59 -3.47
C ASN A 137 1.66 10.43 -2.67
N ALA A 138 2.76 9.83 -2.31
CA ALA A 138 3.80 10.56 -1.53
C ALA A 138 4.31 11.73 -2.35
N VAL A 139 4.64 11.50 -3.58
CA VAL A 139 5.17 12.56 -4.45
C VAL A 139 4.22 13.75 -4.54
N ARG A 140 2.94 13.52 -4.72
CA ARG A 140 2.05 14.71 -4.83
C ARG A 140 2.08 15.46 -3.50
N HIS A 141 2.54 14.80 -2.46
CA HIS A 141 2.64 15.46 -1.14
C HIS A 141 4.08 15.95 -0.99
N THR A 142 5.01 15.10 -1.33
CA THR A 142 6.44 15.42 -1.12
C THR A 142 7.32 14.59 -2.10
N PRO A 143 7.92 15.21 -3.09
CA PRO A 143 8.78 14.49 -4.07
C PRO A 143 10.17 14.20 -3.49
N TRP A 50 -12.02 -8.94 20.62
CA TRP A 50 -12.80 -9.69 19.60
C TRP A 50 -12.40 -9.23 18.20
N GLN A 51 -12.32 -7.94 18.00
CA GLN A 51 -11.95 -7.42 16.65
C GLN A 51 -10.46 -7.70 16.40
N ARG A 52 -9.92 -7.19 15.32
CA ARG A 52 -8.48 -7.43 15.02
C ARG A 52 -8.01 -6.41 13.98
N ILE A 53 -6.74 -6.11 13.98
CA ILE A 53 -6.19 -5.12 12.99
C ILE A 53 -5.62 -5.87 11.78
N GLN A 54 -6.25 -6.96 11.40
CA GLN A 54 -5.77 -7.75 10.21
C GLN A 54 -6.84 -7.73 9.12
N ASP A 55 -8.07 -8.01 9.47
CA ASP A 55 -9.16 -8.00 8.46
C ASP A 55 -9.26 -6.63 7.78
N GLU A 56 -9.14 -5.58 8.55
CA GLU A 56 -9.25 -4.21 7.96
C GLU A 56 -8.14 -3.98 6.93
N ALA A 57 -6.93 -4.29 7.27
CA ALA A 57 -5.82 -4.14 6.30
C ALA A 57 -6.10 -5.07 5.11
N ASP A 58 -6.50 -6.27 5.38
CA ASP A 58 -6.76 -7.23 4.29
C ASP A 58 -7.87 -6.71 3.37
N GLU A 59 -8.81 -5.97 3.89
CA GLU A 59 -9.87 -5.39 3.04
C GLU A 59 -9.24 -4.44 2.02
N LEU A 60 -8.19 -3.80 2.46
CA LEU A 60 -7.47 -2.84 1.57
C LEU A 60 -6.79 -3.60 0.43
N THR A 61 -6.21 -4.72 0.73
CA THR A 61 -5.52 -5.50 -0.31
C THR A 61 -6.50 -5.74 -1.47
N ARG A 62 -7.64 -6.27 -1.15
CA ARG A 62 -8.68 -6.47 -2.19
C ARG A 62 -8.99 -5.15 -2.85
N ARG A 63 -8.97 -4.10 -2.09
CA ARG A 63 -9.27 -2.80 -2.69
C ARG A 63 -8.17 -2.44 -3.67
N PHE A 64 -6.94 -2.59 -3.27
CA PHE A 64 -5.80 -2.27 -4.19
C PHE A 64 -5.82 -3.25 -5.35
N VAL A 65 -5.94 -4.49 -5.04
CA VAL A 65 -5.96 -5.52 -6.08
C VAL A 65 -7.13 -5.27 -7.00
N ALA A 66 -8.21 -4.87 -6.43
CA ALA A 66 -9.38 -4.55 -7.28
C ALA A 66 -8.96 -3.47 -8.30
N LEU A 67 -8.10 -2.57 -7.89
CA LEU A 67 -7.60 -1.55 -8.84
C LEU A 67 -6.82 -2.23 -9.93
N MET A 68 -6.00 -3.15 -9.58
CA MET A 68 -5.24 -3.86 -10.62
C MET A 68 -6.21 -4.49 -11.59
N ASP A 69 -7.24 -5.06 -11.09
CA ASP A 69 -8.20 -5.75 -11.98
C ASP A 69 -8.64 -4.77 -13.06
N ALA A 70 -8.92 -3.57 -12.68
CA ALA A 70 -9.32 -2.55 -13.69
C ALA A 70 -8.07 -2.08 -14.42
N GLY A 71 -6.91 -2.35 -13.87
CA GLY A 71 -5.67 -1.85 -14.50
C GLY A 71 -5.66 -0.33 -14.31
N GLU A 72 -6.03 0.11 -13.13
CA GLU A 72 -6.05 1.55 -12.81
C GLU A 72 -4.62 2.06 -12.70
N PRO A 73 -4.40 3.33 -12.92
CA PRO A 73 -3.05 3.92 -12.75
C PRO A 73 -2.79 4.05 -11.25
N ALA A 74 -1.75 3.48 -10.76
CA ALA A 74 -1.50 3.54 -9.29
C ALA A 74 -1.57 4.99 -8.84
N ASP A 75 -1.51 5.87 -9.77
CA ASP A 75 -1.60 7.33 -9.45
C ASP A 75 -3.07 7.76 -9.53
N SER A 76 -3.96 6.80 -9.53
CA SER A 76 -5.41 7.14 -9.61
C SER A 76 -5.87 7.79 -8.29
N GLU A 77 -6.52 8.90 -8.39
CA GLU A 77 -7.06 9.59 -7.18
C GLU A 77 -7.74 8.57 -6.31
N GLY A 78 -8.50 7.71 -6.90
CA GLY A 78 -9.19 6.64 -6.12
C GLY A 78 -8.13 5.74 -5.51
N ALA A 79 -7.19 5.36 -6.31
CA ALA A 79 -6.08 4.51 -5.84
C ALA A 79 -5.23 5.30 -4.85
N MET A 80 -4.79 6.45 -5.26
CA MET A 80 -3.99 7.30 -4.40
C MET A 80 -4.81 7.64 -3.17
N ASP A 81 -6.06 7.92 -3.36
CA ASP A 81 -6.92 8.20 -2.18
C ASP A 81 -6.84 6.98 -1.30
N ALA A 82 -6.78 5.83 -1.92
CA ALA A 82 -6.65 4.58 -1.16
C ALA A 82 -5.30 4.66 -0.47
N ALA A 83 -4.32 5.10 -1.17
CA ALA A 83 -2.99 5.27 -0.54
C ALA A 83 -3.19 6.19 0.67
N GLU A 84 -3.93 7.25 0.49
CA GLU A 84 -4.17 8.17 1.63
C GLU A 84 -4.84 7.38 2.74
N ASP A 85 -5.88 6.66 2.40
CA ASP A 85 -6.56 5.83 3.44
C ASP A 85 -5.56 4.82 3.98
N HIS A 86 -4.83 4.19 3.10
CA HIS A 86 -3.81 3.21 3.54
C HIS A 86 -2.94 3.88 4.62
N ARG A 87 -2.31 4.96 4.25
CA ARG A 87 -1.45 5.71 5.22
C ARG A 87 -2.23 6.08 6.49
N GLN A 88 -3.44 6.55 6.33
CA GLN A 88 -4.23 6.96 7.52
C GLN A 88 -4.39 5.78 8.49
N GLY A 89 -4.77 4.64 7.97
CA GLY A 89 -4.95 3.45 8.85
C GLY A 89 -3.61 3.04 9.46
N ILE A 90 -2.55 3.10 8.69
CA ILE A 90 -1.23 2.73 9.24
C ILE A 90 -0.84 3.71 10.35
N ALA A 91 -0.75 4.97 10.01
CA ALA A 91 -0.40 5.99 11.03
C ALA A 91 -1.35 5.92 12.22
N ARG A 92 -2.60 5.62 12.00
CA ARG A 92 -3.55 5.60 13.14
C ARG A 92 -3.14 4.49 14.11
N ASN A 93 -2.52 3.46 13.62
CA ASN A 93 -2.08 2.36 14.53
C ASN A 93 -0.88 2.84 15.35
N HIS A 94 -0.30 3.95 14.98
CA HIS A 94 0.87 4.48 15.73
C HIS A 94 0.94 6.00 15.57
N TYR A 95 2.08 6.52 15.20
CA TYR A 95 2.20 7.99 15.02
C TYR A 95 3.53 8.32 14.33
N ASP A 96 4.43 8.97 15.03
CA ASP A 96 5.74 9.31 14.42
C ASP A 96 5.53 9.98 13.05
N CYS A 97 6.39 9.71 12.12
CA CYS A 97 6.25 10.32 10.77
C CYS A 97 5.04 9.73 10.05
N GLY A 98 5.00 9.83 8.74
CA GLY A 98 3.85 9.27 7.97
C GLY A 98 4.34 8.88 6.57
N TYR A 99 4.47 9.82 5.69
CA TYR A 99 4.93 9.53 4.32
C TYR A 99 6.22 8.72 4.33
N GLU A 100 7.10 9.09 5.21
CA GLU A 100 8.41 8.40 5.31
C GLU A 100 8.20 6.96 5.75
N MET A 101 7.49 6.78 6.82
CA MET A 101 7.24 5.42 7.34
C MET A 101 6.48 4.66 6.27
N HIS A 102 5.65 5.35 5.54
CA HIS A 102 4.89 4.69 4.45
C HIS A 102 5.86 4.31 3.34
N THR A 103 6.74 5.21 2.99
CA THR A 103 7.74 4.93 1.93
C THR A 103 8.62 3.76 2.37
N CYS A 104 8.87 3.66 3.64
CA CYS A 104 9.72 2.57 4.15
C CYS A 104 9.07 1.23 3.80
N LEU A 105 7.78 1.16 3.85
CA LEU A 105 7.07 -0.10 3.51
C LEU A 105 7.30 -0.40 2.02
N GLY A 106 7.39 0.64 1.20
CA GLY A 106 7.61 0.41 -0.25
C GLY A 106 8.77 -0.56 -0.43
N GLU A 107 9.78 -0.47 0.38
CA GLU A 107 10.92 -1.39 0.27
C GLU A 107 10.43 -2.82 0.42
N MET A 108 9.77 -3.12 1.49
CA MET A 108 9.28 -4.53 1.67
C MET A 108 8.32 -4.91 0.54
N TYR A 109 7.64 -3.97 -0.04
CA TYR A 109 6.70 -4.31 -1.14
C TYR A 109 7.48 -4.78 -2.38
N VAL A 110 8.77 -4.56 -2.41
CA VAL A 110 9.56 -4.96 -3.61
C VAL A 110 10.98 -5.35 -3.20
N SER A 111 11.55 -4.64 -2.27
CA SER A 111 12.93 -4.96 -1.82
C SER A 111 12.92 -6.17 -0.88
N ASP A 112 14.07 -6.61 -0.47
CA ASP A 112 14.14 -7.76 0.48
C ASP A 112 13.18 -8.88 0.05
N GLU A 113 13.66 -9.81 -0.73
CA GLU A 113 12.82 -10.94 -1.21
C GLU A 113 12.03 -11.61 -0.09
N ARG A 114 12.34 -11.32 1.14
CA ARG A 114 11.59 -11.99 2.25
C ARG A 114 10.14 -11.49 2.23
N PHE A 115 9.94 -10.21 2.19
CA PHE A 115 8.54 -9.68 2.19
C PHE A 115 7.93 -9.78 0.78
N THR A 116 8.63 -9.33 -0.22
CA THR A 116 8.08 -9.41 -1.60
C THR A 116 7.47 -10.79 -1.86
N ARG A 117 8.22 -11.82 -1.61
CA ARG A 117 7.74 -13.21 -1.84
C ARG A 117 6.41 -13.48 -1.11
N ASN A 118 6.28 -13.03 0.11
CA ASN A 118 5.03 -13.31 0.89
C ASN A 118 3.86 -12.45 0.38
N ILE A 119 4.10 -11.20 0.19
CA ILE A 119 3.03 -10.28 -0.29
C ILE A 119 2.47 -10.73 -1.63
N ASP A 120 3.32 -10.80 -2.60
CA ASP A 120 2.90 -11.16 -3.98
C ASP A 120 2.35 -12.58 -4.04
N ALA A 121 2.50 -13.33 -3.01
CA ALA A 121 2.00 -14.74 -3.03
C ALA A 121 0.48 -14.76 -3.29
N ALA A 122 -0.25 -13.78 -2.80
CA ALA A 122 -1.73 -13.77 -3.03
C ALA A 122 -2.08 -13.24 -4.42
N LYS A 123 -1.14 -12.75 -5.17
CA LYS A 123 -1.43 -12.24 -6.53
C LYS A 123 -0.09 -11.76 -7.13
N PRO A 124 0.21 -12.07 -8.38
CA PRO A 124 1.50 -11.68 -8.98
C PRO A 124 1.60 -10.19 -9.33
N GLY A 125 2.68 -9.58 -8.95
CA GLY A 125 2.91 -8.15 -9.25
C GLY A 125 2.10 -7.25 -8.32
N LEU A 126 1.25 -7.82 -7.51
CA LEU A 126 0.46 -6.94 -6.59
C LEU A 126 1.44 -6.10 -5.78
N ALA A 127 2.47 -6.72 -5.25
CA ALA A 127 3.47 -5.99 -4.44
C ALA A 127 4.09 -4.86 -5.26
N ALA A 128 4.59 -5.19 -6.41
CA ALA A 128 5.22 -4.17 -7.29
C ALA A 128 4.21 -3.07 -7.59
N TYR A 129 2.98 -3.43 -7.81
CA TYR A 129 1.97 -2.38 -8.12
C TYR A 129 1.84 -1.47 -6.90
N MET A 130 1.70 -2.06 -5.75
CA MET A 130 1.55 -1.26 -4.52
C MET A 130 2.76 -0.31 -4.41
N ARG A 131 3.95 -0.83 -4.61
CA ARG A 131 5.16 0.04 -4.58
C ARG A 131 4.93 1.25 -5.48
N ASP A 132 4.43 1.05 -6.67
CA ASP A 132 4.15 2.18 -7.58
C ASP A 132 3.14 3.13 -6.91
N ALA A 133 2.20 2.56 -6.24
CA ALA A 133 1.16 3.35 -5.51
C ALA A 133 1.76 4.25 -4.45
N ILE A 134 2.66 3.71 -3.70
CA ILE A 134 3.29 4.44 -2.56
C ILE A 134 4.01 5.71 -3.01
N LEU A 135 4.93 5.59 -3.92
CA LEU A 135 5.69 6.78 -4.38
C LEU A 135 4.77 7.83 -4.99
N ALA A 136 3.82 7.44 -5.80
CA ALA A 136 2.98 8.47 -6.43
C ALA A 136 2.29 9.29 -5.36
N ASN A 137 1.67 8.66 -4.41
CA ASN A 137 1.01 9.40 -3.33
C ASN A 137 2.00 10.27 -2.57
N ALA A 138 3.12 9.70 -2.21
CA ALA A 138 4.14 10.47 -1.46
C ALA A 138 4.63 11.62 -2.31
N VAL A 139 4.96 11.36 -3.55
CA VAL A 139 5.47 12.41 -4.44
C VAL A 139 4.49 13.58 -4.57
N ARG A 140 3.22 13.32 -4.77
CA ARG A 140 2.30 14.50 -4.89
C ARG A 140 2.28 15.25 -3.57
N HIS A 141 2.69 14.60 -2.51
CA HIS A 141 2.70 15.24 -1.18
C HIS A 141 4.11 15.78 -0.89
N THR A 142 5.08 14.91 -0.87
CA THR A 142 6.50 15.31 -0.61
C THR A 142 6.61 16.18 0.66
N PRO A 143 7.73 16.13 1.35
CA PRO A 143 7.94 16.94 2.59
C PRO A 143 8.12 18.42 2.27
N TRP A 50 -13.76 -4.09 15.37
CA TRP A 50 -12.39 -3.66 14.98
C TRP A 50 -11.36 -4.39 15.84
N GLN A 51 -11.80 -5.30 16.67
CA GLN A 51 -10.84 -6.05 17.53
C GLN A 51 -9.75 -6.66 16.66
N ARG A 52 -10.12 -7.33 15.61
CA ARG A 52 -9.09 -7.95 14.72
C ARG A 52 -8.54 -6.89 13.76
N ILE A 53 -7.41 -6.32 14.08
CA ILE A 53 -6.81 -5.29 13.19
C ILE A 53 -6.11 -5.98 12.02
N GLN A 54 -6.63 -7.08 11.56
CA GLN A 54 -6.00 -7.82 10.41
C GLN A 54 -6.97 -7.84 9.22
N ASP A 55 -8.20 -8.21 9.46
CA ASP A 55 -9.19 -8.25 8.35
C ASP A 55 -9.30 -6.87 7.69
N GLU A 56 -9.18 -5.83 8.46
CA GLU A 56 -9.29 -4.46 7.89
C GLU A 56 -8.20 -4.21 6.86
N ALA A 57 -6.98 -4.55 7.19
CA ALA A 57 -5.87 -4.39 6.22
C ALA A 57 -6.17 -5.28 5.01
N ASP A 58 -6.58 -6.49 5.25
CA ASP A 58 -6.86 -7.42 4.14
C ASP A 58 -7.96 -6.87 3.24
N GLU A 59 -8.89 -6.14 3.79
CA GLU A 59 -9.96 -5.53 2.95
C GLU A 59 -9.32 -4.57 1.94
N LEU A 60 -8.25 -3.96 2.37
CA LEU A 60 -7.52 -2.99 1.50
C LEU A 60 -6.87 -3.73 0.33
N THR A 61 -6.29 -4.86 0.62
CA THR A 61 -5.62 -5.64 -0.45
C THR A 61 -6.60 -5.85 -1.60
N ARG A 62 -7.74 -6.39 -1.30
CA ARG A 62 -8.79 -6.58 -2.34
C ARG A 62 -9.10 -5.25 -2.97
N ARG A 63 -9.08 -4.21 -2.20
CA ARG A 63 -9.38 -2.89 -2.75
C ARG A 63 -8.30 -2.53 -3.76
N PHE A 64 -7.05 -2.68 -3.38
CA PHE A 64 -5.92 -2.36 -4.32
C PHE A 64 -5.96 -3.31 -5.51
N VAL A 65 -6.08 -4.56 -5.22
CA VAL A 65 -6.10 -5.57 -6.28
C VAL A 65 -7.27 -5.31 -7.20
N ALA A 66 -8.36 -4.94 -6.63
CA ALA A 66 -9.52 -4.61 -7.50
C ALA A 66 -9.09 -3.50 -8.48
N LEU A 67 -8.26 -2.60 -8.05
CA LEU A 67 -7.76 -1.55 -8.96
C LEU A 67 -6.94 -2.20 -10.05
N MET A 68 -6.12 -3.12 -9.69
CA MET A 68 -5.32 -3.79 -10.73
C MET A 68 -6.25 -4.40 -11.74
N ASP A 69 -7.31 -5.00 -11.27
CA ASP A 69 -8.22 -5.67 -12.20
C ASP A 69 -8.64 -4.68 -13.28
N ALA A 70 -8.95 -3.48 -12.87
CA ALA A 70 -9.30 -2.43 -13.89
C ALA A 70 -8.02 -1.94 -14.53
N GLY A 71 -6.89 -2.23 -13.93
CA GLY A 71 -5.61 -1.73 -14.48
C GLY A 71 -5.68 -0.20 -14.45
N GLU A 72 -6.16 0.34 -13.36
CA GLU A 72 -6.23 1.82 -13.24
C GLU A 72 -4.80 2.34 -13.05
N PRO A 73 -4.61 3.61 -13.15
CA PRO A 73 -3.28 4.23 -12.90
C PRO A 73 -3.04 4.28 -11.39
N ALA A 74 -2.00 3.68 -10.91
CA ALA A 74 -1.75 3.68 -9.45
C ALA A 74 -1.83 5.10 -8.92
N ASP A 75 -1.78 6.03 -9.82
CA ASP A 75 -1.89 7.46 -9.44
C ASP A 75 -3.35 7.86 -9.50
N SER A 76 -4.21 6.89 -9.50
CA SER A 76 -5.68 7.17 -9.54
C SER A 76 -6.11 7.76 -8.19
N GLU A 77 -6.80 8.86 -8.24
CA GLU A 77 -7.34 9.49 -7.00
C GLU A 77 -7.98 8.42 -6.15
N GLY A 78 -8.71 7.56 -6.77
CA GLY A 78 -9.37 6.45 -6.02
C GLY A 78 -8.28 5.57 -5.43
N ALA A 79 -7.34 5.22 -6.24
CA ALA A 79 -6.20 4.39 -5.77
C ALA A 79 -5.38 5.18 -4.78
N MET A 80 -4.97 6.34 -5.18
CA MET A 80 -4.17 7.20 -4.31
C MET A 80 -4.98 7.50 -3.07
N ASP A 81 -6.25 7.76 -3.24
CA ASP A 81 -7.08 8.01 -2.05
C ASP A 81 -6.96 6.77 -1.18
N ALA A 82 -6.92 5.63 -1.82
CA ALA A 82 -6.73 4.38 -1.08
C ALA A 82 -5.37 4.45 -0.43
N ALA A 83 -4.41 4.92 -1.15
CA ALA A 83 -3.07 5.09 -0.55
C ALA A 83 -3.24 5.97 0.68
N GLU A 84 -3.98 7.04 0.55
CA GLU A 84 -4.20 7.91 1.73
C GLU A 84 -4.84 7.06 2.82
N ASP A 85 -5.84 6.30 2.47
CA ASP A 85 -6.50 5.41 3.47
C ASP A 85 -5.46 4.42 4.00
N HIS A 86 -4.70 3.83 3.10
CA HIS A 86 -3.66 2.86 3.55
C HIS A 86 -2.84 3.49 4.67
N ARG A 87 -2.22 4.61 4.38
CA ARG A 87 -1.41 5.31 5.40
C ARG A 87 -2.25 5.58 6.65
N GLN A 88 -3.48 6.01 6.46
CA GLN A 88 -4.35 6.27 7.64
C GLN A 88 -4.50 4.99 8.47
N GLY A 89 -4.59 3.86 7.82
CA GLY A 89 -4.74 2.58 8.57
C GLY A 89 -3.50 2.36 9.45
N ILE A 90 -2.34 2.69 8.95
CA ILE A 90 -1.10 2.51 9.76
C ILE A 90 -1.20 3.43 10.98
N ALA A 91 -1.35 4.71 10.73
CA ALA A 91 -1.45 5.69 11.85
C ALA A 91 -2.57 5.27 12.81
N ARG A 92 -3.62 4.71 12.31
CA ARG A 92 -4.78 4.37 13.18
C ARG A 92 -4.37 3.37 14.26
N ASN A 93 -3.34 2.60 14.02
CA ASN A 93 -2.93 1.59 15.04
C ASN A 93 -2.29 2.30 16.25
N HIS A 94 -1.46 3.28 16.02
CA HIS A 94 -0.81 3.99 17.16
C HIS A 94 -0.35 5.38 16.71
N TYR A 95 -1.12 6.03 15.87
CA TYR A 95 -0.72 7.39 15.40
C TYR A 95 0.71 7.32 14.85
N ASP A 96 1.39 8.43 14.82
CA ASP A 96 2.79 8.44 14.29
C ASP A 96 2.80 7.80 12.90
N CYS A 97 2.85 8.60 11.87
CA CYS A 97 2.88 8.04 10.49
C CYS A 97 3.43 9.10 9.54
N GLY A 98 4.44 8.77 8.78
CA GLY A 98 5.05 9.76 7.85
C GLY A 98 5.16 9.18 6.43
N TYR A 99 4.90 9.98 5.44
CA TYR A 99 4.97 9.53 4.05
C TYR A 99 6.33 8.87 3.84
N GLU A 100 7.30 9.37 4.53
CA GLU A 100 8.68 8.82 4.44
C GLU A 100 8.68 7.40 4.97
N MET A 101 8.13 7.19 6.13
CA MET A 101 8.08 5.82 6.70
C MET A 101 7.27 4.96 5.74
N HIS A 102 6.31 5.55 5.10
CA HIS A 102 5.48 4.81 4.12
C HIS A 102 6.39 4.39 2.95
N THR A 103 7.25 5.28 2.55
CA THR A 103 8.21 4.97 1.45
C THR A 103 9.11 3.81 1.86
N CYS A 104 9.42 3.73 3.12
CA CYS A 104 10.32 2.66 3.61
C CYS A 104 9.67 1.29 3.36
N LEU A 105 8.38 1.19 3.49
CA LEU A 105 7.71 -0.11 3.25
C LEU A 105 7.92 -0.47 1.77
N GLY A 106 7.89 0.50 0.92
CA GLY A 106 8.09 0.23 -0.54
C GLY A 106 9.34 -0.62 -0.73
N GLU A 107 10.37 -0.35 0.02
CA GLU A 107 11.62 -1.13 -0.12
C GLU A 107 11.35 -2.61 0.17
N MET A 108 10.79 -2.92 1.30
CA MET A 108 10.54 -4.36 1.61
C MET A 108 9.61 -4.97 0.56
N TYR A 109 8.71 -4.19 0.04
CA TYR A 109 7.79 -4.74 -1.00
C TYR A 109 8.63 -5.24 -2.17
N VAL A 110 9.93 -5.03 -2.14
CA VAL A 110 10.81 -5.46 -3.26
C VAL A 110 12.22 -5.81 -2.76
N SER A 111 12.74 -5.06 -1.83
CA SER A 111 14.13 -5.31 -1.34
C SER A 111 14.22 -6.50 -0.37
N ASP A 112 13.11 -6.92 0.18
CA ASP A 112 13.13 -8.06 1.17
C ASP A 112 12.26 -9.22 0.67
N GLU A 113 12.85 -10.12 -0.05
CA GLU A 113 12.10 -11.29 -0.56
C GLU A 113 11.29 -11.94 0.56
N ARG A 114 11.59 -11.64 1.79
CA ARG A 114 10.83 -12.25 2.89
C ARG A 114 9.41 -11.68 2.85
N PHE A 115 9.29 -10.38 2.79
CA PHE A 115 7.94 -9.77 2.75
C PHE A 115 7.36 -9.85 1.34
N THR A 116 8.10 -9.43 0.35
CA THR A 116 7.60 -9.48 -1.05
C THR A 116 6.95 -10.84 -1.33
N ARG A 117 7.66 -11.89 -1.07
CA ARG A 117 7.13 -13.27 -1.32
C ARG A 117 5.78 -13.48 -0.62
N ASN A 118 5.66 -13.03 0.61
CA ASN A 118 4.39 -13.25 1.35
C ASN A 118 3.28 -12.32 0.83
N ILE A 119 3.59 -11.08 0.69
CA ILE A 119 2.59 -10.10 0.19
C ILE A 119 2.10 -10.48 -1.20
N ASP A 120 3.00 -10.49 -2.13
CA ASP A 120 2.66 -10.79 -3.55
C ASP A 120 2.14 -12.21 -3.73
N ALA A 121 2.28 -13.03 -2.74
CA ALA A 121 1.79 -14.43 -2.88
C ALA A 121 0.29 -14.44 -3.20
N ALA A 122 -0.44 -13.47 -2.70
CA ALA A 122 -1.91 -13.43 -2.97
C ALA A 122 -2.22 -12.85 -4.34
N LYS A 123 -1.23 -12.41 -5.07
CA LYS A 123 -1.49 -11.83 -6.42
C LYS A 123 -0.13 -11.42 -7.00
N PRO A 124 0.21 -11.79 -8.21
CA PRO A 124 1.54 -11.45 -8.77
C PRO A 124 1.68 -9.99 -9.20
N GLY A 125 2.76 -9.40 -8.85
CA GLY A 125 3.04 -7.99 -9.24
C GLY A 125 2.27 -6.99 -8.38
N LEU A 126 1.39 -7.45 -7.54
CA LEU A 126 0.65 -6.48 -6.70
C LEU A 126 1.67 -5.63 -5.92
N ALA A 127 2.71 -6.26 -5.44
CA ALA A 127 3.76 -5.52 -4.67
C ALA A 127 4.34 -4.39 -5.51
N ALA A 128 4.81 -4.72 -6.68
CA ALA A 128 5.41 -3.69 -7.56
C ALA A 128 4.38 -2.59 -7.82
N TYR A 129 3.15 -2.97 -8.05
CA TYR A 129 2.12 -1.94 -8.34
C TYR A 129 1.96 -1.07 -7.08
N MET A 130 1.82 -1.69 -5.95
CA MET A 130 1.69 -0.93 -4.70
C MET A 130 2.90 0.01 -4.58
N ARG A 131 4.08 -0.49 -4.80
CA ARG A 131 5.29 0.36 -4.77
C ARG A 131 5.02 1.60 -5.63
N ASP A 132 4.51 1.41 -6.80
CA ASP A 132 4.17 2.56 -7.68
C ASP A 132 3.12 3.45 -6.99
N ALA A 133 2.19 2.82 -6.34
CA ALA A 133 1.13 3.55 -5.60
C ALA A 133 1.69 4.43 -4.48
N ILE A 134 2.58 3.88 -3.73
CA ILE A 134 3.17 4.60 -2.57
C ILE A 134 3.85 5.88 -2.99
N LEU A 135 4.78 5.79 -3.90
CA LEU A 135 5.52 6.99 -4.35
C LEU A 135 4.58 8.02 -4.95
N ALA A 136 3.67 7.61 -5.79
CA ALA A 136 2.81 8.63 -6.43
C ALA A 136 2.08 9.41 -5.37
N ASN A 137 1.46 8.74 -4.44
CA ASN A 137 0.78 9.45 -3.35
C ASN A 137 1.77 10.32 -2.58
N ALA A 138 2.89 9.75 -2.25
CA ALA A 138 3.93 10.49 -1.49
C ALA A 138 4.41 11.66 -2.31
N VAL A 139 4.73 11.44 -3.56
CA VAL A 139 5.22 12.53 -4.42
C VAL A 139 4.24 13.68 -4.49
N ARG A 140 2.97 13.41 -4.68
CA ARG A 140 2.03 14.58 -4.75
C ARG A 140 2.02 15.29 -3.41
N HIS A 141 2.46 14.62 -2.38
CA HIS A 141 2.49 15.24 -1.02
C HIS A 141 3.89 15.81 -0.78
N THR A 142 4.88 14.97 -0.83
CA THR A 142 6.28 15.47 -0.64
C THR A 142 6.33 16.45 0.55
N PRO A 143 6.53 15.96 1.74
CA PRO A 143 6.58 16.83 2.95
C PRO A 143 7.96 17.49 3.12
N TRP A 50 -12.88 -10.88 19.75
CA TRP A 50 -11.52 -10.68 19.16
C TRP A 50 -11.63 -10.43 17.66
N GLN A 51 -10.58 -9.95 17.04
CA GLN A 51 -10.64 -9.68 15.58
C GLN A 51 -9.23 -9.44 15.05
N ARG A 52 -8.44 -8.66 15.74
CA ARG A 52 -7.05 -8.40 15.27
C ARG A 52 -7.11 -7.48 14.03
N ILE A 53 -6.41 -6.38 14.06
CA ILE A 53 -6.45 -5.45 12.90
C ILE A 53 -5.79 -6.12 11.69
N GLN A 54 -6.37 -7.20 11.21
CA GLN A 54 -5.82 -7.92 10.01
C GLN A 54 -6.84 -7.86 8.88
N ASP A 55 -8.08 -8.15 9.17
CA ASP A 55 -9.12 -8.11 8.11
C ASP A 55 -9.18 -6.73 7.46
N GLU A 56 -9.00 -5.68 8.23
CA GLU A 56 -9.07 -4.31 7.68
C GLU A 56 -7.98 -4.11 6.63
N ALA A 57 -6.77 -4.47 6.93
CA ALA A 57 -5.68 -4.35 5.93
C ALA A 57 -6.03 -5.23 4.73
N ASP A 58 -6.48 -6.43 4.99
CA ASP A 58 -6.80 -7.36 3.89
C ASP A 58 -7.92 -6.79 3.01
N GLU A 59 -8.83 -6.04 3.58
CA GLU A 59 -9.90 -5.42 2.75
C GLU A 59 -9.25 -4.46 1.75
N LEU A 60 -8.18 -3.84 2.17
CA LEU A 60 -7.45 -2.89 1.28
C LEU A 60 -6.84 -3.65 0.12
N THR A 61 -6.23 -4.77 0.41
CA THR A 61 -5.61 -5.58 -0.67
C THR A 61 -6.66 -5.83 -1.74
N ARG A 62 -7.77 -6.38 -1.35
CA ARG A 62 -8.88 -6.58 -2.31
C ARG A 62 -9.23 -5.27 -2.94
N ARG A 63 -9.14 -4.22 -2.18
CA ARG A 63 -9.47 -2.91 -2.74
C ARG A 63 -8.39 -2.52 -3.74
N PHE A 64 -7.13 -2.66 -3.38
CA PHE A 64 -6.01 -2.33 -4.31
C PHE A 64 -6.06 -3.30 -5.49
N VAL A 65 -6.19 -4.54 -5.19
CA VAL A 65 -6.23 -5.58 -6.23
C VAL A 65 -7.40 -5.32 -7.15
N ALA A 66 -8.49 -4.97 -6.60
CA ALA A 66 -9.66 -4.64 -7.46
C ALA A 66 -9.23 -3.56 -8.45
N LEU A 67 -8.41 -2.65 -8.03
CA LEU A 67 -7.90 -1.61 -8.94
C LEU A 67 -7.08 -2.26 -10.03
N MET A 68 -6.25 -3.18 -9.67
CA MET A 68 -5.46 -3.86 -10.70
C MET A 68 -6.40 -4.46 -11.71
N ASP A 69 -7.45 -5.05 -11.24
CA ASP A 69 -8.38 -5.72 -12.16
C ASP A 69 -8.77 -4.73 -13.25
N ALA A 70 -9.06 -3.53 -12.86
CA ALA A 70 -9.40 -2.48 -13.86
C ALA A 70 -8.11 -2.03 -14.53
N GLY A 71 -6.99 -2.35 -13.93
CA GLY A 71 -5.70 -1.88 -14.51
C GLY A 71 -5.72 -0.36 -14.48
N GLU A 72 -6.18 0.20 -13.39
CA GLU A 72 -6.20 1.68 -13.26
C GLU A 72 -4.75 2.15 -13.08
N PRO A 73 -4.53 3.42 -13.17
CA PRO A 73 -3.18 4.00 -12.92
C PRO A 73 -2.93 4.03 -11.42
N ALA A 74 -1.88 3.43 -10.95
CA ALA A 74 -1.62 3.42 -9.49
C ALA A 74 -1.68 4.85 -8.97
N ASP A 75 -1.61 5.77 -9.86
CA ASP A 75 -1.69 7.21 -9.49
C ASP A 75 -3.15 7.62 -9.53
N SER A 76 -4.01 6.66 -9.50
CA SER A 76 -5.47 6.93 -9.52
C SER A 76 -5.89 7.55 -8.18
N GLU A 77 -6.59 8.65 -8.22
CA GLU A 77 -7.11 9.29 -6.99
C GLU A 77 -7.73 8.21 -6.13
N GLY A 78 -8.46 7.33 -6.75
CA GLY A 78 -9.10 6.22 -6.01
C GLY A 78 -8.00 5.36 -5.40
N ALA A 79 -7.05 5.02 -6.20
CA ALA A 79 -5.91 4.21 -5.73
C ALA A 79 -5.09 5.01 -4.74
N MET A 80 -4.70 6.17 -5.15
CA MET A 80 -3.90 7.05 -4.30
C MET A 80 -4.72 7.36 -3.06
N ASP A 81 -5.98 7.61 -3.22
CA ASP A 81 -6.80 7.87 -2.03
C ASP A 81 -6.69 6.64 -1.15
N ALA A 82 -6.65 5.49 -1.78
CA ALA A 82 -6.48 4.24 -1.03
C ALA A 82 -5.11 4.32 -0.38
N ALA A 83 -4.15 4.77 -1.11
CA ALA A 83 -2.81 4.94 -0.52
C ALA A 83 -2.96 5.85 0.70
N GLU A 84 -3.70 6.93 0.56
CA GLU A 84 -3.90 7.82 1.71
C GLU A 84 -4.53 7.02 2.83
N ASP A 85 -5.58 6.30 2.52
CA ASP A 85 -6.25 5.47 3.55
C ASP A 85 -5.24 4.44 4.06
N HIS A 86 -4.55 3.80 3.17
CA HIS A 86 -3.54 2.79 3.58
C HIS A 86 -2.63 3.39 4.65
N ARG A 87 -1.96 4.46 4.32
CA ARG A 87 -1.05 5.14 5.28
C ARG A 87 -1.80 5.51 6.57
N GLN A 88 -3.01 6.00 6.46
CA GLN A 88 -3.76 6.38 7.68
C GLN A 88 -3.90 5.19 8.63
N GLY A 89 -4.29 4.05 8.11
CA GLY A 89 -4.46 2.86 8.98
C GLY A 89 -3.11 2.42 9.55
N ILE A 90 -2.07 2.49 8.77
CA ILE A 90 -0.73 2.08 9.30
C ILE A 90 -0.32 3.03 10.42
N ALA A 91 -0.21 4.30 10.10
CA ALA A 91 0.18 5.30 11.12
C ALA A 91 -0.77 5.23 12.32
N ARG A 92 -2.03 4.96 12.10
CA ARG A 92 -2.99 4.92 13.23
C ARG A 92 -2.61 3.79 14.19
N ASN A 93 -1.99 2.76 13.68
CA ASN A 93 -1.58 1.64 14.55
C ASN A 93 -0.32 2.01 15.33
N HIS A 94 0.53 2.81 14.74
CA HIS A 94 1.79 3.23 15.44
C HIS A 94 1.59 4.62 16.06
N TYR A 95 2.02 5.65 15.38
CA TYR A 95 1.86 7.03 15.93
C TYR A 95 1.75 8.04 14.77
N ASP A 96 2.65 8.99 14.72
CA ASP A 96 2.60 9.99 13.62
C ASP A 96 3.23 9.41 12.36
N CYS A 97 4.46 8.98 12.44
CA CYS A 97 5.14 8.40 11.24
C CYS A 97 4.99 9.37 10.07
N GLY A 98 4.21 9.02 9.08
CA GLY A 98 3.97 9.95 7.92
C GLY A 98 4.30 9.29 6.57
N TYR A 99 4.12 10.07 5.53
CA TYR A 99 4.36 9.59 4.15
C TYR A 99 5.75 8.98 4.05
N GLU A 100 6.66 9.50 4.80
CA GLU A 100 8.06 9.00 4.77
C GLU A 100 8.10 7.57 5.27
N MET A 101 7.48 7.29 6.37
CA MET A 101 7.48 5.90 6.89
C MET A 101 6.83 5.01 5.84
N HIS A 102 5.92 5.55 5.10
CA HIS A 102 5.23 4.76 4.05
C HIS A 102 6.27 4.37 2.99
N THR A 103 7.17 5.26 2.68
CA THR A 103 8.23 4.95 1.67
C THR A 103 9.07 3.79 2.17
N CYS A 104 9.27 3.70 3.46
CA CYS A 104 10.12 2.61 4.02
C CYS A 104 9.48 1.25 3.69
N LEU A 105 8.18 1.16 3.75
CA LEU A 105 7.51 -0.14 3.44
C LEU A 105 7.74 -0.48 1.97
N GLY A 106 7.71 0.52 1.12
CA GLY A 106 7.92 0.27 -0.33
C GLY A 106 9.18 -0.56 -0.53
N GLU A 107 10.19 -0.32 0.27
CA GLU A 107 11.43 -1.10 0.16
C GLU A 107 11.12 -2.57 0.38
N MET A 108 10.52 -2.92 1.48
CA MET A 108 10.23 -4.37 1.71
C MET A 108 9.34 -4.92 0.60
N TYR A 109 8.51 -4.10 0.02
CA TYR A 109 7.63 -4.59 -1.07
C TYR A 109 8.50 -5.03 -2.26
N VAL A 110 9.79 -4.76 -2.20
CA VAL A 110 10.69 -5.14 -3.34
C VAL A 110 12.11 -5.45 -2.85
N SER A 111 12.60 -4.71 -1.91
CA SER A 111 14.00 -4.92 -1.41
C SER A 111 14.11 -6.14 -0.48
N ASP A 112 13.00 -6.68 -0.01
CA ASP A 112 13.07 -7.85 0.94
C ASP A 112 12.24 -9.01 0.42
N GLU A 113 12.85 -9.90 -0.32
CA GLU A 113 12.09 -11.06 -0.84
C GLU A 113 11.30 -11.74 0.27
N ARG A 114 11.60 -11.44 1.50
CA ARG A 114 10.83 -12.08 2.61
C ARG A 114 9.41 -11.53 2.59
N PHE A 115 9.28 -10.23 2.56
CA PHE A 115 7.92 -9.62 2.54
C PHE A 115 7.33 -9.69 1.13
N THR A 116 8.06 -9.25 0.14
CA THR A 116 7.54 -9.29 -1.24
C THR A 116 6.88 -10.64 -1.52
N ARG A 117 7.60 -11.70 -1.27
CA ARG A 117 7.06 -13.07 -1.50
C ARG A 117 5.74 -13.27 -0.76
N ASN A 118 5.64 -12.82 0.47
CA ASN A 118 4.39 -13.03 1.24
C ASN A 118 3.27 -12.11 0.75
N ILE A 119 3.56 -10.86 0.59
CA ILE A 119 2.53 -9.90 0.12
C ILE A 119 2.02 -10.32 -1.25
N ASP A 120 2.90 -10.37 -2.19
CA ASP A 120 2.54 -10.71 -3.60
C ASP A 120 2.01 -12.14 -3.73
N ALA A 121 2.17 -12.93 -2.72
CA ALA A 121 1.67 -14.33 -2.80
C ALA A 121 0.16 -14.33 -3.09
N ALA A 122 -0.56 -13.37 -2.58
CA ALA A 122 -2.05 -13.34 -2.80
C ALA A 122 -2.38 -12.76 -4.18
N LYS A 123 -1.40 -12.32 -4.93
CA LYS A 123 -1.68 -11.76 -6.28
C LYS A 123 -0.33 -11.37 -6.88
N PRO A 124 0.01 -11.81 -8.07
CA PRO A 124 1.34 -11.49 -8.65
C PRO A 124 1.48 -10.04 -9.12
N GLY A 125 2.59 -9.45 -8.79
CA GLY A 125 2.89 -8.06 -9.21
C GLY A 125 2.18 -7.03 -8.32
N LEU A 126 1.27 -7.44 -7.49
CA LEU A 126 0.59 -6.42 -6.63
C LEU A 126 1.66 -5.64 -5.85
N ALA A 127 2.66 -6.32 -5.38
CA ALA A 127 3.74 -5.64 -4.60
C ALA A 127 4.37 -4.54 -5.43
N ALA A 128 4.87 -4.88 -6.59
CA ALA A 128 5.51 -3.87 -7.46
C ALA A 128 4.49 -2.77 -7.77
N TYR A 129 3.28 -3.15 -8.03
CA TYR A 129 2.24 -2.12 -8.34
C TYR A 129 2.04 -1.25 -7.10
N MET A 130 1.89 -1.87 -5.97
CA MET A 130 1.67 -1.11 -4.72
C MET A 130 2.83 -0.13 -4.53
N ARG A 131 4.05 -0.60 -4.68
CA ARG A 131 5.23 0.30 -4.56
C ARG A 131 4.99 1.55 -5.43
N ASP A 132 4.53 1.36 -6.62
CA ASP A 132 4.23 2.51 -7.50
C ASP A 132 3.17 3.40 -6.84
N ALA A 133 2.23 2.78 -6.17
CA ALA A 133 1.15 3.51 -5.46
C ALA A 133 1.70 4.43 -4.38
N ILE A 134 2.60 3.92 -3.62
CA ILE A 134 3.19 4.68 -2.48
C ILE A 134 3.84 5.98 -2.94
N LEU A 135 4.75 5.88 -3.86
CA LEU A 135 5.47 7.08 -4.34
C LEU A 135 4.52 8.09 -4.96
N ALA A 136 3.63 7.66 -5.80
CA ALA A 136 2.76 8.66 -6.46
C ALA A 136 2.02 9.45 -5.41
N ASN A 137 1.38 8.77 -4.50
CA ASN A 137 0.68 9.48 -3.42
C ASN A 137 1.66 10.34 -2.61
N ALA A 138 2.77 9.75 -2.26
CA ALA A 138 3.79 10.48 -1.48
C ALA A 138 4.30 11.67 -2.28
N VAL A 139 4.64 11.45 -3.52
CA VAL A 139 5.17 12.55 -4.35
C VAL A 139 4.18 13.72 -4.44
N ARG A 140 2.92 13.47 -4.66
CA ARG A 140 1.98 14.63 -4.74
C ARG A 140 1.95 15.33 -3.38
N HIS A 141 2.31 14.63 -2.34
CA HIS A 141 2.30 15.23 -0.98
C HIS A 141 3.70 15.72 -0.63
N THR A 142 4.66 14.82 -0.58
CA THR A 142 6.07 15.19 -0.27
C THR A 142 6.16 16.03 1.02
N PRO A 143 7.26 15.98 1.73
CA PRO A 143 7.46 16.74 2.99
C PRO A 143 7.61 18.24 2.73
N TRP A 50 -4.45 -7.41 23.14
CA TRP A 50 -4.12 -7.64 21.70
C TRP A 50 -5.33 -7.29 20.84
N GLN A 51 -5.55 -6.01 20.59
CA GLN A 51 -6.72 -5.59 19.76
C GLN A 51 -6.25 -5.16 18.37
N ARG A 52 -5.14 -5.67 17.92
CA ARG A 52 -4.63 -5.28 16.57
C ARG A 52 -5.44 -6.02 15.49
N ILE A 53 -6.08 -5.30 14.63
CA ILE A 53 -6.90 -5.95 13.56
C ILE A 53 -6.03 -6.19 12.32
N GLN A 54 -6.34 -7.22 11.56
CA GLN A 54 -5.57 -7.52 10.31
C GLN A 54 -6.51 -7.45 9.10
N ASP A 55 -7.75 -7.78 9.28
CA ASP A 55 -8.72 -7.77 8.16
C ASP A 55 -8.79 -6.38 7.50
N GLU A 56 -8.65 -5.33 8.26
CA GLU A 56 -8.74 -3.97 7.66
C GLU A 56 -7.65 -3.77 6.61
N ALA A 57 -6.45 -4.11 6.93
CA ALA A 57 -5.35 -3.99 5.94
C ALA A 57 -5.65 -4.90 4.76
N ASP A 58 -6.03 -6.12 5.04
CA ASP A 58 -6.31 -7.08 3.95
C ASP A 58 -7.47 -6.59 3.08
N GLU A 59 -8.41 -5.88 3.64
CA GLU A 59 -9.51 -5.32 2.81
C GLU A 59 -8.93 -4.34 1.78
N LEU A 60 -7.89 -3.68 2.18
CA LEU A 60 -7.22 -2.70 1.29
C LEU A 60 -6.57 -3.44 0.12
N THR A 61 -5.88 -4.50 0.42
CA THR A 61 -5.22 -5.29 -0.64
C THR A 61 -6.26 -5.64 -1.70
N ARG A 62 -7.33 -6.25 -1.30
CA ARG A 62 -8.42 -6.57 -2.24
C ARG A 62 -8.87 -5.30 -2.92
N ARG A 63 -8.89 -4.24 -2.18
CA ARG A 63 -9.32 -2.96 -2.75
C ARG A 63 -8.26 -2.51 -3.74
N PHE A 64 -7.00 -2.55 -3.37
CA PHE A 64 -5.91 -2.15 -4.31
C PHE A 64 -5.89 -3.12 -5.47
N VAL A 65 -5.94 -4.36 -5.16
CA VAL A 65 -5.91 -5.40 -6.19
C VAL A 65 -7.11 -5.23 -7.09
N ALA A 66 -8.20 -4.92 -6.51
CA ALA A 66 -9.41 -4.67 -7.36
C ALA A 66 -9.07 -3.57 -8.37
N LEU A 67 -8.29 -2.60 -7.97
CA LEU A 67 -7.86 -1.55 -8.91
C LEU A 67 -7.02 -2.18 -9.99
N MET A 68 -6.14 -3.04 -9.63
CA MET A 68 -5.33 -3.70 -10.67
C MET A 68 -6.26 -4.36 -11.65
N ASP A 69 -7.27 -4.99 -11.15
CA ASP A 69 -8.19 -5.72 -12.03
C ASP A 69 -8.69 -4.76 -13.11
N ALA A 70 -9.00 -3.57 -12.72
CA ALA A 70 -9.46 -2.55 -13.72
C ALA A 70 -8.23 -2.04 -14.48
N GLY A 71 -7.07 -2.29 -13.94
CA GLY A 71 -5.84 -1.75 -14.60
C GLY A 71 -5.85 -0.24 -14.37
N GLU A 72 -6.22 0.17 -13.19
CA GLU A 72 -6.25 1.60 -12.83
C GLU A 72 -4.82 2.14 -12.72
N PRO A 73 -4.62 3.40 -12.94
CA PRO A 73 -3.27 4.00 -12.75
C PRO A 73 -3.00 4.12 -11.25
N ALA A 74 -1.92 3.58 -10.78
CA ALA A 74 -1.64 3.63 -9.32
C ALA A 74 -1.76 5.07 -8.84
N ASP A 75 -1.73 5.97 -9.76
CA ASP A 75 -1.86 7.41 -9.43
C ASP A 75 -3.34 7.79 -9.49
N SER A 76 -4.19 6.81 -9.49
CA SER A 76 -5.66 7.09 -9.55
C SER A 76 -6.11 7.72 -8.22
N GLU A 77 -6.82 8.80 -8.31
CA GLU A 77 -7.36 9.47 -7.08
C GLU A 77 -7.99 8.40 -6.22
N GLY A 78 -8.68 7.50 -6.83
CA GLY A 78 -9.30 6.37 -6.08
C GLY A 78 -8.18 5.54 -5.46
N ALA A 79 -7.22 5.22 -6.27
CA ALA A 79 -6.05 4.44 -5.78
C ALA A 79 -5.26 5.28 -4.80
N MET A 80 -4.88 6.44 -5.21
CA MET A 80 -4.13 7.35 -4.36
C MET A 80 -4.95 7.64 -3.12
N ASP A 81 -6.22 7.86 -3.30
CA ASP A 81 -7.06 8.09 -2.11
C ASP A 81 -6.91 6.86 -1.24
N ALA A 82 -6.81 5.72 -1.86
CA ALA A 82 -6.59 4.48 -1.10
C ALA A 82 -5.24 4.61 -0.45
N ALA A 83 -4.29 5.10 -1.19
CA ALA A 83 -2.96 5.32 -0.60
C ALA A 83 -3.15 6.22 0.62
N GLU A 84 -3.91 7.28 0.46
CA GLU A 84 -4.15 8.18 1.62
C GLU A 84 -4.79 7.36 2.73
N ASP A 85 -5.80 6.60 2.41
CA ASP A 85 -6.44 5.75 3.44
C ASP A 85 -5.40 4.78 3.99
N HIS A 86 -4.67 4.16 3.10
CA HIS A 86 -3.62 3.20 3.53
C HIS A 86 -2.75 3.86 4.61
N ARG A 87 -2.15 4.97 4.27
CA ARG A 87 -1.29 5.71 5.24
C ARG A 87 -2.07 6.02 6.52
N GLN A 88 -3.31 6.43 6.39
CA GLN A 88 -4.09 6.78 7.61
C GLN A 88 -4.16 5.59 8.58
N GLY A 89 -4.48 4.44 8.07
CA GLY A 89 -4.59 3.24 8.96
C GLY A 89 -3.22 2.88 9.54
N ILE A 90 -2.17 2.98 8.77
CA ILE A 90 -0.83 2.63 9.31
C ILE A 90 -0.46 3.60 10.43
N ALA A 91 -0.41 4.86 10.12
CA ALA A 91 -0.06 5.88 11.16
C ALA A 91 -1.00 5.76 12.36
N ARG A 92 -2.24 5.41 12.15
CA ARG A 92 -3.18 5.32 13.30
C ARG A 92 -2.73 4.20 14.23
N ASN A 93 -1.99 3.24 13.72
CA ASN A 93 -1.52 2.12 14.57
C ASN A 93 -0.64 2.65 15.70
N HIS A 94 -0.31 3.91 15.69
CA HIS A 94 0.54 4.47 16.77
C HIS A 94 0.56 6.00 16.68
N TYR A 95 1.72 6.60 16.64
CA TYR A 95 1.78 8.09 16.55
C TYR A 95 3.19 8.52 16.13
N ASP A 96 3.41 8.68 14.86
CA ASP A 96 4.75 9.10 14.37
C ASP A 96 4.62 9.76 13.00
N CYS A 97 5.45 9.40 12.07
CA CYS A 97 5.35 10.02 10.71
C CYS A 97 4.29 9.28 9.88
N GLY A 98 4.37 9.38 8.58
CA GLY A 98 3.37 8.69 7.72
C GLY A 98 3.98 8.37 6.36
N TYR A 99 4.14 9.37 5.52
CA TYR A 99 4.71 9.15 4.19
C TYR A 99 6.04 8.41 4.26
N GLU A 100 6.83 8.79 5.21
CA GLU A 100 8.18 8.17 5.36
C GLU A 100 8.03 6.71 5.72
N MET A 101 7.26 6.43 6.73
CA MET A 101 7.04 5.03 7.16
C MET A 101 6.35 4.29 6.02
N HIS A 102 5.54 4.99 5.28
CA HIS A 102 4.84 4.35 4.14
C HIS A 102 5.87 4.00 3.06
N THR A 103 6.74 4.93 2.76
CA THR A 103 7.79 4.69 1.73
C THR A 103 8.68 3.53 2.20
N CYS A 104 8.89 3.43 3.47
CA CYS A 104 9.77 2.35 3.99
C CYS A 104 9.18 0.99 3.63
N LEU A 105 7.88 0.86 3.67
CA LEU A 105 7.25 -0.43 3.32
C LEU A 105 7.49 -0.72 1.83
N GLY A 106 7.45 0.29 1.01
CA GLY A 106 7.69 0.08 -0.45
C GLY A 106 8.98 -0.71 -0.62
N GLU A 107 9.97 -0.44 0.18
CA GLU A 107 11.23 -1.16 0.08
C GLU A 107 10.98 -2.65 0.30
N MET A 108 10.39 -3.02 1.40
CA MET A 108 10.15 -4.48 1.64
C MET A 108 9.27 -5.06 0.54
N TYR A 109 8.41 -4.27 -0.04
CA TYR A 109 7.54 -4.80 -1.12
C TYR A 109 8.43 -5.26 -2.28
N VAL A 110 9.70 -4.96 -2.23
CA VAL A 110 10.61 -5.36 -3.36
C VAL A 110 12.04 -5.61 -2.88
N SER A 111 12.52 -4.83 -1.94
CA SER A 111 13.93 -4.99 -1.47
C SER A 111 14.09 -6.19 -0.51
N ASP A 112 13.00 -6.76 -0.03
CA ASP A 112 13.11 -7.91 0.93
C ASP A 112 12.31 -9.11 0.42
N GLU A 113 12.95 -9.97 -0.33
CA GLU A 113 12.24 -11.16 -0.85
C GLU A 113 11.49 -11.87 0.27
N ARG A 114 11.83 -11.58 1.50
CA ARG A 114 11.11 -12.23 2.63
C ARG A 114 9.66 -11.72 2.66
N PHE A 115 9.50 -10.43 2.64
CA PHE A 115 8.12 -9.86 2.67
C PHE A 115 7.50 -9.91 1.28
N THR A 116 8.20 -9.45 0.27
CA THR A 116 7.65 -9.48 -1.12
C THR A 116 7.00 -10.85 -1.38
N ARG A 117 7.73 -11.89 -1.15
CA ARG A 117 7.22 -13.26 -1.37
C ARG A 117 5.89 -13.48 -0.64
N ASN A 118 5.76 -13.00 0.56
CA ASN A 118 4.50 -13.24 1.33
C ASN A 118 3.36 -12.35 0.81
N ILE A 119 3.62 -11.10 0.62
CA ILE A 119 2.58 -10.18 0.11
C ILE A 119 2.10 -10.64 -1.27
N ASP A 120 3.00 -10.62 -2.20
CA ASP A 120 2.67 -10.98 -3.61
C ASP A 120 2.26 -12.45 -3.75
N ALA A 121 2.44 -13.22 -2.74
CA ALA A 121 2.05 -14.67 -2.84
C ALA A 121 0.56 -14.76 -3.21
N ALA A 122 -0.23 -13.81 -2.78
CA ALA A 122 -1.69 -13.86 -3.10
C ALA A 122 -1.96 -13.35 -4.52
N LYS A 123 -0.99 -12.81 -5.20
CA LYS A 123 -1.23 -12.34 -6.58
C LYS A 123 0.10 -11.77 -7.14
N PRO A 124 0.49 -12.12 -8.34
CA PRO A 124 1.79 -11.66 -8.91
C PRO A 124 1.83 -10.19 -9.31
N GLY A 125 2.89 -9.53 -8.95
CA GLY A 125 3.09 -8.11 -9.33
C GLY A 125 2.26 -7.18 -8.46
N LEU A 126 1.36 -7.70 -7.67
CA LEU A 126 0.56 -6.76 -6.83
C LEU A 126 1.53 -5.92 -5.98
N ALA A 127 2.55 -6.54 -5.46
CA ALA A 127 3.54 -5.81 -4.62
C ALA A 127 4.16 -4.66 -5.42
N ALA A 128 4.73 -4.97 -6.56
CA ALA A 128 5.35 -3.92 -7.41
C ALA A 128 4.32 -2.86 -7.74
N TYR A 129 3.11 -3.25 -8.01
CA TYR A 129 2.07 -2.24 -8.34
C TYR A 129 1.85 -1.36 -7.12
N MET A 130 1.74 -1.96 -5.98
CA MET A 130 1.51 -1.17 -4.75
C MET A 130 2.65 -0.16 -4.61
N ARG A 131 3.87 -0.57 -4.79
CA ARG A 131 5.03 0.36 -4.72
C ARG A 131 4.73 1.59 -5.59
N ASP A 132 4.21 1.38 -6.76
CA ASP A 132 3.86 2.54 -7.64
C ASP A 132 2.82 3.41 -6.93
N ALA A 133 1.92 2.80 -6.25
CA ALA A 133 0.87 3.53 -5.48
C ALA A 133 1.47 4.43 -4.40
N ILE A 134 2.38 3.89 -3.66
CA ILE A 134 3.01 4.61 -2.52
C ILE A 134 3.69 5.91 -2.95
N LEU A 135 4.60 5.81 -3.87
CA LEU A 135 5.35 7.00 -4.34
C LEU A 135 4.43 8.04 -4.95
N ALA A 136 3.48 7.64 -5.74
CA ALA A 136 2.63 8.69 -6.38
C ALA A 136 1.99 9.52 -5.31
N ASN A 137 1.36 8.89 -4.36
CA ASN A 137 0.75 9.65 -3.25
C ASN A 137 1.79 10.47 -2.51
N ALA A 138 2.89 9.85 -2.20
CA ALA A 138 3.97 10.56 -1.47
C ALA A 138 4.49 11.70 -2.32
N VAL A 139 4.77 11.45 -3.56
CA VAL A 139 5.31 12.49 -4.45
C VAL A 139 4.38 13.71 -4.52
N ARG A 140 3.10 13.51 -4.70
CA ARG A 140 2.22 14.72 -4.76
C ARG A 140 2.27 15.45 -3.42
N HIS A 141 2.70 14.75 -2.39
CA HIS A 141 2.79 15.37 -1.04
C HIS A 141 4.21 15.87 -0.80
N THR A 142 5.12 15.50 -1.66
CA THR A 142 6.51 16.01 -1.56
C THR A 142 6.57 17.38 -2.28
N PRO A 143 7.00 18.45 -1.62
CA PRO A 143 7.06 19.78 -2.29
C PRO A 143 8.23 19.89 -3.27
N TRP A 50 -9.85 -13.85 18.79
CA TRP A 50 -10.61 -12.64 18.37
C TRP A 50 -9.63 -11.49 18.12
N GLN A 51 -8.42 -11.80 17.74
CA GLN A 51 -7.42 -10.73 17.48
C GLN A 51 -7.65 -10.16 16.07
N ARG A 52 -8.45 -9.13 15.96
CA ARG A 52 -8.72 -8.53 14.62
C ARG A 52 -7.49 -7.71 14.17
N ILE A 53 -7.69 -6.48 13.80
CA ILE A 53 -6.55 -5.63 13.36
C ILE A 53 -5.84 -6.32 12.20
N GLN A 54 -6.37 -7.42 11.72
CA GLN A 54 -5.74 -8.16 10.58
C GLN A 54 -6.69 -8.16 9.38
N ASP A 55 -7.93 -8.51 9.61
CA ASP A 55 -8.92 -8.53 8.49
C ASP A 55 -8.99 -7.15 7.84
N GLU A 56 -8.84 -6.11 8.60
CA GLU A 56 -8.92 -4.74 8.03
C GLU A 56 -7.83 -4.54 6.98
N ALA A 57 -6.63 -4.93 7.28
CA ALA A 57 -5.55 -4.80 6.27
C ALA A 57 -5.91 -5.66 5.07
N ASP A 58 -6.45 -6.81 5.29
CA ASP A 58 -6.80 -7.68 4.15
C ASP A 58 -7.84 -6.99 3.25
N GLU A 59 -8.70 -6.18 3.79
CA GLU A 59 -9.70 -5.44 2.93
C GLU A 59 -8.98 -4.52 1.95
N LEU A 60 -7.87 -3.98 2.39
CA LEU A 60 -7.08 -3.04 1.55
C LEU A 60 -6.52 -3.80 0.35
N THR A 61 -5.97 -4.94 0.60
CA THR A 61 -5.39 -5.76 -0.49
C THR A 61 -6.44 -5.92 -1.59
N ARG A 62 -7.59 -6.40 -1.23
CA ARG A 62 -8.69 -6.54 -2.22
C ARG A 62 -8.98 -5.20 -2.84
N ARG A 63 -8.91 -4.18 -2.05
CA ARG A 63 -9.21 -2.84 -2.59
C ARG A 63 -8.13 -2.48 -3.60
N PHE A 64 -6.88 -2.62 -3.24
CA PHE A 64 -5.78 -2.29 -4.18
C PHE A 64 -5.81 -3.25 -5.37
N VAL A 65 -5.96 -4.50 -5.07
CA VAL A 65 -5.99 -5.52 -6.12
C VAL A 65 -7.16 -5.25 -7.04
N ALA A 66 -8.24 -4.87 -6.48
CA ALA A 66 -9.41 -4.53 -7.33
C ALA A 66 -8.98 -3.44 -8.32
N LEU A 67 -8.14 -2.53 -7.89
CA LEU A 67 -7.63 -1.48 -8.81
C LEU A 67 -6.84 -2.15 -9.90
N MET A 68 -6.01 -3.07 -9.54
CA MET A 68 -5.21 -3.76 -10.56
C MET A 68 -6.16 -4.37 -11.56
N ASP A 69 -7.20 -4.97 -11.10
CA ASP A 69 -8.12 -5.65 -12.02
C ASP A 69 -8.54 -4.66 -13.12
N ALA A 70 -8.84 -3.46 -12.72
CA ALA A 70 -9.20 -2.43 -13.73
C ALA A 70 -7.91 -1.95 -14.40
N GLY A 71 -6.79 -2.25 -13.80
CA GLY A 71 -5.51 -1.77 -14.37
C GLY A 71 -5.57 -0.24 -14.39
N GLU A 72 -6.05 0.34 -13.31
CA GLU A 72 -6.11 1.81 -13.23
C GLU A 72 -4.68 2.33 -13.04
N PRO A 73 -4.48 3.60 -13.19
CA PRO A 73 -3.16 4.22 -12.95
C PRO A 73 -2.94 4.31 -11.44
N ALA A 74 -1.92 3.71 -10.93
CA ALA A 74 -1.69 3.75 -9.46
C ALA A 74 -1.76 5.19 -8.98
N ASP A 75 -1.68 6.09 -9.91
CA ASP A 75 -1.76 7.54 -9.57
C ASP A 75 -3.23 7.96 -9.66
N SER A 76 -4.10 7.00 -9.66
CA SER A 76 -5.56 7.32 -9.73
C SER A 76 -6.01 7.95 -8.40
N GLU A 77 -6.67 9.07 -8.48
CA GLU A 77 -7.20 9.74 -7.26
C GLU A 77 -7.89 8.70 -6.40
N GLY A 78 -8.64 7.85 -7.03
CA GLY A 78 -9.33 6.77 -6.28
C GLY A 78 -8.27 5.86 -5.66
N ALA A 79 -7.34 5.48 -6.47
CA ALA A 79 -6.23 4.64 -5.98
C ALA A 79 -5.38 5.42 -4.98
N MET A 80 -4.94 6.57 -5.38
CA MET A 80 -4.13 7.41 -4.52
C MET A 80 -4.93 7.74 -3.29
N ASP A 81 -6.19 8.04 -3.47
CA ASP A 81 -7.03 8.31 -2.29
C ASP A 81 -6.96 7.07 -1.42
N ALA A 82 -6.92 5.93 -2.06
CA ALA A 82 -6.79 4.67 -1.32
C ALA A 82 -5.44 4.71 -0.63
N ALA A 83 -4.45 5.16 -1.33
CA ALA A 83 -3.12 5.29 -0.71
C ALA A 83 -3.29 6.17 0.52
N GLU A 84 -4.01 7.26 0.39
CA GLU A 84 -4.23 8.13 1.56
C GLU A 84 -4.88 7.30 2.66
N ASP A 85 -5.91 6.58 2.30
CA ASP A 85 -6.60 5.73 3.32
C ASP A 85 -5.59 4.71 3.86
N HIS A 86 -4.84 4.10 2.97
CA HIS A 86 -3.83 3.11 3.42
C HIS A 86 -2.98 3.72 4.52
N ARG A 87 -2.33 4.81 4.22
CA ARG A 87 -1.48 5.49 5.23
C ARG A 87 -2.28 5.81 6.50
N GLN A 88 -3.49 6.27 6.34
CA GLN A 88 -4.31 6.62 7.55
C GLN A 88 -4.46 5.39 8.46
N GLY A 89 -4.77 4.25 7.90
CA GLY A 89 -4.95 3.03 8.73
C GLY A 89 -3.65 2.66 9.45
N ILE A 90 -2.54 2.83 8.81
CA ILE A 90 -1.25 2.49 9.48
C ILE A 90 -1.04 3.42 10.67
N ALA A 91 -1.02 4.70 10.42
CA ALA A 91 -0.80 5.68 11.51
C ALA A 91 -1.81 5.49 12.65
N ARG A 92 -3.03 5.12 12.35
CA ARG A 92 -4.03 4.98 13.44
C ARG A 92 -3.61 3.86 14.41
N ASN A 93 -3.17 2.75 13.89
CA ASN A 93 -2.74 1.62 14.77
C ASN A 93 -1.32 1.87 15.26
N HIS A 94 -0.47 2.40 14.41
CA HIS A 94 0.93 2.64 14.84
C HIS A 94 0.96 3.81 15.83
N TYR A 95 1.35 4.97 15.39
CA TYR A 95 1.39 6.15 16.31
C TYR A 95 1.57 7.43 15.49
N ASP A 96 2.30 7.36 14.41
CA ASP A 96 2.51 8.57 13.58
C ASP A 96 3.19 8.17 12.26
N CYS A 97 2.62 7.26 11.54
CA CYS A 97 3.24 6.83 10.25
C CYS A 97 3.33 8.04 9.31
N GLY A 98 4.51 8.35 8.85
CA GLY A 98 4.68 9.52 7.92
C GLY A 98 4.87 9.01 6.49
N TYR A 99 4.71 9.86 5.52
CA TYR A 99 4.86 9.44 4.12
C TYR A 99 6.22 8.75 3.97
N GLU A 100 7.16 9.21 4.72
CA GLU A 100 8.52 8.62 4.68
C GLU A 100 8.46 7.18 5.18
N MET A 101 7.85 6.96 6.32
CA MET A 101 7.74 5.59 6.85
C MET A 101 6.95 4.76 5.85
N HIS A 102 6.05 5.39 5.16
CA HIS A 102 5.24 4.67 4.13
C HIS A 102 6.19 4.21 3.01
N THR A 103 7.11 5.06 2.64
CA THR A 103 8.08 4.69 1.58
C THR A 103 8.92 3.50 2.03
N CYS A 104 9.20 3.42 3.29
CA CYS A 104 10.03 2.31 3.81
C CYS A 104 9.35 0.96 3.56
N LEU A 105 8.05 0.90 3.70
CA LEU A 105 7.33 -0.38 3.46
C LEU A 105 7.48 -0.75 1.98
N GLY A 106 7.48 0.22 1.12
CA GLY A 106 7.61 -0.07 -0.34
C GLY A 106 8.80 -1.01 -0.56
N GLU A 107 9.88 -0.77 0.14
CA GLU A 107 11.07 -1.64 -0.01
C GLU A 107 10.70 -3.08 0.33
N MET A 108 10.16 -3.31 1.49
CA MET A 108 9.79 -4.72 1.85
C MET A 108 8.79 -5.26 0.85
N TYR A 109 7.91 -4.44 0.35
CA TYR A 109 6.91 -4.93 -0.63
C TYR A 109 7.67 -5.53 -1.82
N VAL A 110 8.45 -4.75 -2.49
CA VAL A 110 9.20 -5.24 -3.67
C VAL A 110 10.58 -5.80 -3.29
N SER A 111 11.25 -5.14 -2.39
CA SER A 111 12.62 -5.60 -1.98
C SER A 111 12.55 -6.81 -1.04
N ASP A 112 13.67 -7.08 -0.39
CA ASP A 112 13.74 -8.20 0.61
C ASP A 112 12.85 -9.37 0.19
N GLU A 113 13.40 -10.32 -0.52
CA GLU A 113 12.59 -11.48 -0.97
C GLU A 113 11.82 -12.10 0.20
N ARG A 114 12.19 -11.81 1.42
CA ARG A 114 11.44 -12.42 2.56
C ARG A 114 10.03 -11.84 2.60
N PHE A 115 9.91 -10.55 2.59
CA PHE A 115 8.57 -9.92 2.64
C PHE A 115 7.92 -9.98 1.26
N THR A 116 8.61 -9.57 0.23
CA THR A 116 8.03 -9.62 -1.14
C THR A 116 7.32 -10.96 -1.37
N ARG A 117 8.02 -12.02 -1.13
CA ARG A 117 7.45 -13.38 -1.36
C ARG A 117 6.12 -13.59 -0.62
N ASN A 118 6.01 -13.14 0.59
CA ASN A 118 4.74 -13.36 1.36
C ASN A 118 3.62 -12.44 0.89
N ILE A 119 3.92 -11.18 0.76
CA ILE A 119 2.91 -10.18 0.32
C ILE A 119 2.38 -10.53 -1.07
N ASP A 120 3.25 -10.57 -2.02
CA ASP A 120 2.86 -10.85 -3.44
C ASP A 120 2.27 -12.25 -3.59
N ALA A 121 2.37 -13.04 -2.58
CA ALA A 121 1.82 -14.43 -2.66
C ALA A 121 0.32 -14.39 -2.98
N ALA A 122 -0.38 -13.42 -2.47
CA ALA A 122 -1.86 -13.34 -2.72
C ALA A 122 -2.17 -12.74 -4.09
N LYS A 123 -1.18 -12.32 -4.83
CA LYS A 123 -1.45 -11.74 -6.18
C LYS A 123 -0.08 -11.35 -6.76
N PRO A 124 0.26 -11.77 -7.96
CA PRO A 124 1.59 -11.45 -8.52
C PRO A 124 1.73 -9.99 -8.99
N GLY A 125 2.82 -9.39 -8.63
CA GLY A 125 3.11 -7.99 -9.04
C GLY A 125 2.37 -6.99 -8.17
N LEU A 126 1.49 -7.41 -7.31
CA LEU A 126 0.78 -6.42 -6.46
C LEU A 126 1.82 -5.58 -5.72
N ALA A 127 2.87 -6.21 -5.26
CA ALA A 127 3.94 -5.47 -4.53
C ALA A 127 4.51 -4.37 -5.41
N ALA A 128 4.96 -4.73 -6.58
CA ALA A 128 5.53 -3.72 -7.50
C ALA A 128 4.49 -2.63 -7.77
N TYR A 129 3.27 -3.03 -8.01
CA TYR A 129 2.23 -2.01 -8.32
C TYR A 129 2.04 -1.10 -7.10
N MET A 130 1.91 -1.71 -5.95
CA MET A 130 1.69 -0.91 -4.73
C MET A 130 2.85 0.08 -4.57
N ARG A 131 4.05 -0.37 -4.75
CA ARG A 131 5.23 0.54 -4.67
C ARG A 131 4.95 1.78 -5.55
N ASP A 132 4.48 1.56 -6.74
CA ASP A 132 4.16 2.71 -7.62
C ASP A 132 3.09 3.58 -6.94
N ALA A 133 2.17 2.95 -6.30
CA ALA A 133 1.08 3.67 -5.57
C ALA A 133 1.63 4.58 -4.47
N ILE A 134 2.51 4.03 -3.70
CA ILE A 134 3.09 4.77 -2.53
C ILE A 134 3.79 6.05 -2.96
N LEU A 135 4.73 5.93 -3.85
CA LEU A 135 5.48 7.11 -4.31
C LEU A 135 4.57 8.14 -4.96
N ALA A 136 3.70 7.71 -5.83
CA ALA A 136 2.84 8.72 -6.51
C ALA A 136 2.04 9.49 -5.49
N ASN A 137 1.39 8.81 -4.61
CA ASN A 137 0.63 9.49 -3.55
C ASN A 137 1.58 10.36 -2.71
N ALA A 138 2.68 9.78 -2.32
CA ALA A 138 3.67 10.52 -1.50
C ALA A 138 4.21 11.69 -2.29
N VAL A 139 4.59 11.47 -3.52
CA VAL A 139 5.15 12.55 -4.35
C VAL A 139 4.18 13.71 -4.49
N ARG A 140 2.92 13.47 -4.74
CA ARG A 140 2.00 14.64 -4.86
C ARG A 140 1.94 15.35 -3.51
N HIS A 141 2.32 14.66 -2.46
CA HIS A 141 2.30 15.28 -1.11
C HIS A 141 3.69 15.82 -0.79
N THR A 142 4.68 14.98 -0.79
CA THR A 142 6.07 15.44 -0.52
C THR A 142 6.06 16.40 0.68
N PRO A 143 6.30 15.91 1.88
CA PRO A 143 6.31 16.77 3.10
C PRO A 143 7.63 17.54 3.24
N TRP A 50 -12.37 -12.54 14.04
CA TRP A 50 -12.91 -11.94 15.29
C TRP A 50 -12.07 -10.73 15.69
N GLN A 51 -10.77 -10.86 15.60
CA GLN A 51 -9.88 -9.72 15.97
C GLN A 51 -9.86 -8.70 14.83
N ARG A 52 -10.42 -7.54 15.03
CA ARG A 52 -10.42 -6.52 13.95
C ARG A 52 -9.05 -5.84 13.88
N ILE A 53 -8.08 -6.52 13.32
CA ILE A 53 -6.71 -5.92 13.22
C ILE A 53 -5.95 -6.60 12.08
N GLN A 54 -6.45 -7.71 11.60
CA GLN A 54 -5.79 -8.43 10.46
C GLN A 54 -6.73 -8.42 9.26
N ASP A 55 -7.96 -8.80 9.47
CA ASP A 55 -8.94 -8.81 8.35
C ASP A 55 -9.04 -7.41 7.73
N GLU A 56 -8.91 -6.39 8.54
CA GLU A 56 -9.02 -5.01 8.01
C GLU A 56 -7.92 -4.76 6.97
N ALA A 57 -6.71 -5.13 7.27
CA ALA A 57 -5.63 -4.98 6.27
C ALA A 57 -5.99 -5.81 5.05
N ASP A 58 -6.53 -6.96 5.24
CA ASP A 58 -6.87 -7.81 4.07
C ASP A 58 -7.90 -7.10 3.18
N GLU A 59 -8.75 -6.29 3.73
CA GLU A 59 -9.73 -5.53 2.88
C GLU A 59 -8.99 -4.59 1.93
N LEU A 60 -7.88 -4.08 2.38
CA LEU A 60 -7.08 -3.13 1.55
C LEU A 60 -6.52 -3.89 0.33
N THR A 61 -5.96 -5.02 0.57
CA THR A 61 -5.40 -5.82 -0.53
C THR A 61 -6.47 -6.00 -1.61
N ARG A 62 -7.61 -6.49 -1.22
CA ARG A 62 -8.73 -6.62 -2.17
C ARG A 62 -9.03 -5.28 -2.79
N ARG A 63 -9.00 -4.27 -1.99
CA ARG A 63 -9.28 -2.92 -2.51
C ARG A 63 -8.20 -2.56 -3.51
N PHE A 64 -6.96 -2.73 -3.16
CA PHE A 64 -5.85 -2.40 -4.10
C PHE A 64 -5.90 -3.33 -5.29
N VAL A 65 -6.05 -4.58 -5.02
CA VAL A 65 -6.10 -5.57 -6.10
C VAL A 65 -7.26 -5.25 -7.00
N ALA A 66 -8.32 -4.84 -6.43
CA ALA A 66 -9.48 -4.43 -7.27
C ALA A 66 -8.99 -3.34 -8.24
N LEU A 67 -8.11 -2.48 -7.79
CA LEU A 67 -7.58 -1.43 -8.69
C LEU A 67 -6.82 -2.10 -9.80
N MET A 68 -6.02 -3.05 -9.50
CA MET A 68 -5.28 -3.74 -10.57
C MET A 68 -6.26 -4.29 -11.56
N ASP A 69 -7.32 -4.85 -11.07
CA ASP A 69 -8.30 -5.48 -11.98
C ASP A 69 -8.72 -4.46 -13.04
N ALA A 70 -8.93 -3.25 -12.61
CA ALA A 70 -9.33 -2.18 -13.59
C ALA A 70 -8.10 -1.74 -14.38
N GLY A 71 -6.93 -2.07 -13.91
CA GLY A 71 -5.71 -1.60 -14.63
C GLY A 71 -5.74 -0.07 -14.60
N GLU A 72 -6.20 0.46 -13.51
CA GLU A 72 -6.24 1.95 -13.32
C GLU A 72 -4.81 2.44 -13.12
N PRO A 73 -4.58 3.70 -13.24
CA PRO A 73 -3.23 4.27 -12.99
C PRO A 73 -3.02 4.34 -11.46
N ALA A 74 -2.00 3.72 -10.97
CA ALA A 74 -1.78 3.73 -9.50
C ALA A 74 -1.83 5.16 -8.99
N ASP A 75 -1.73 6.08 -9.88
CA ASP A 75 -1.80 7.52 -9.51
C ASP A 75 -3.25 7.97 -9.59
N SER A 76 -4.15 7.03 -9.64
CA SER A 76 -5.60 7.37 -9.71
C SER A 76 -6.05 7.97 -8.38
N GLU A 77 -6.69 9.10 -8.42
CA GLU A 77 -7.22 9.75 -7.19
C GLU A 77 -7.92 8.69 -6.36
N GLY A 78 -8.68 7.87 -6.98
CA GLY A 78 -9.38 6.79 -6.24
C GLY A 78 -8.33 5.86 -5.66
N ALA A 79 -7.39 5.50 -6.47
CA ALA A 79 -6.30 4.62 -6.02
C ALA A 79 -5.45 5.37 -5.01
N MET A 80 -4.99 6.52 -5.37
CA MET A 80 -4.18 7.34 -4.47
C MET A 80 -5.01 7.63 -3.24
N ASP A 81 -6.26 7.94 -3.43
CA ASP A 81 -7.11 8.18 -2.25
C ASP A 81 -7.06 6.92 -1.41
N ALA A 82 -6.97 5.80 -2.08
CA ALA A 82 -6.84 4.53 -1.36
C ALA A 82 -5.53 4.60 -0.61
N ALA A 83 -4.51 5.09 -1.24
CA ALA A 83 -3.22 5.26 -0.55
C ALA A 83 -3.49 6.10 0.70
N GLU A 84 -4.26 7.15 0.56
CA GLU A 84 -4.56 7.96 1.75
C GLU A 84 -5.24 7.06 2.77
N ASP A 85 -6.20 6.29 2.33
CA ASP A 85 -6.88 5.35 3.26
C ASP A 85 -5.85 4.35 3.80
N HIS A 86 -5.07 3.79 2.90
CA HIS A 86 -4.02 2.83 3.33
C HIS A 86 -3.23 3.43 4.49
N ARG A 87 -2.62 4.55 4.24
CA ARG A 87 -1.83 5.22 5.31
C ARG A 87 -2.69 5.43 6.55
N GLN A 88 -3.93 5.84 6.37
CA GLN A 88 -4.81 6.07 7.56
C GLN A 88 -4.94 4.77 8.36
N GLY A 89 -5.04 3.65 7.68
CA GLY A 89 -5.19 2.36 8.41
C GLY A 89 -3.91 2.04 9.17
N ILE A 90 -2.77 2.28 8.58
CA ILE A 90 -1.49 2.00 9.28
C ILE A 90 -1.39 2.91 10.50
N ALA A 91 -1.46 4.19 10.28
CA ALA A 91 -1.38 5.15 11.42
C ALA A 91 -2.43 4.83 12.49
N ARG A 92 -3.58 4.35 12.09
CA ARG A 92 -4.64 4.08 13.09
C ARG A 92 -4.16 3.02 14.08
N ASN A 93 -3.57 1.97 13.59
CA ASN A 93 -3.07 0.90 14.51
C ASN A 93 -1.73 1.32 15.08
N HIS A 94 -0.86 1.88 14.26
CA HIS A 94 0.48 2.33 14.74
C HIS A 94 0.59 3.84 14.55
N TYR A 95 0.17 4.61 15.52
CA TYR A 95 0.25 6.10 15.39
C TYR A 95 1.66 6.50 14.94
N ASP A 96 1.89 7.77 14.76
CA ASP A 96 3.23 8.24 14.31
C ASP A 96 3.56 7.59 12.97
N CYS A 97 3.21 8.23 11.88
CA CYS A 97 3.49 7.67 10.53
C CYS A 97 3.87 8.80 9.57
N GLY A 98 4.96 8.65 8.87
CA GLY A 98 5.42 9.71 7.91
C GLY A 98 5.46 9.15 6.50
N TYR A 99 5.19 9.98 5.52
CA TYR A 99 5.21 9.54 4.12
C TYR A 99 6.54 8.85 3.85
N GLU A 100 7.53 9.32 4.52
CA GLU A 100 8.90 8.73 4.39
C GLU A 100 8.87 7.31 4.91
N MET A 101 8.35 7.10 6.08
CA MET A 101 8.29 5.73 6.63
C MET A 101 7.44 4.89 5.67
N HIS A 102 6.48 5.51 5.06
CA HIS A 102 5.63 4.78 4.08
C HIS A 102 6.54 4.36 2.92
N THR A 103 7.44 5.23 2.54
CA THR A 103 8.39 4.91 1.44
C THR A 103 9.25 3.71 1.85
N CYS A 104 9.55 3.61 3.11
CA CYS A 104 10.41 2.49 3.59
C CYS A 104 9.74 1.15 3.28
N LEU A 105 8.45 1.08 3.40
CA LEU A 105 7.75 -0.20 3.08
C LEU A 105 8.00 -0.52 1.61
N GLY A 106 8.05 0.48 0.79
CA GLY A 106 8.29 0.26 -0.67
C GLY A 106 9.57 -0.58 -0.83
N GLU A 107 10.56 -0.32 -0.01
CA GLU A 107 11.83 -1.08 -0.10
C GLU A 107 11.57 -2.57 0.12
N MET A 108 10.98 -2.92 1.22
CA MET A 108 10.74 -4.38 1.47
C MET A 108 9.87 -4.97 0.36
N TYR A 109 9.01 -4.19 -0.21
CA TYR A 109 8.16 -4.72 -1.30
C TYR A 109 9.07 -5.20 -2.44
N VAL A 110 10.37 -4.98 -2.31
CA VAL A 110 11.31 -5.40 -3.38
C VAL A 110 12.69 -5.74 -2.80
N SER A 111 13.10 -5.04 -1.79
CA SER A 111 14.45 -5.27 -1.19
C SER A 111 14.48 -6.52 -0.29
N ASP A 112 13.34 -6.94 0.20
CA ASP A 112 13.31 -8.13 1.12
C ASP A 112 12.35 -9.20 0.60
N GLU A 113 12.84 -10.07 -0.24
CA GLU A 113 11.98 -11.16 -0.79
C GLU A 113 11.22 -11.85 0.33
N ARG A 114 11.62 -11.65 1.56
CA ARG A 114 10.91 -12.33 2.68
C ARG A 114 9.51 -11.72 2.79
N PHE A 115 9.43 -10.42 2.85
CA PHE A 115 8.10 -9.77 2.97
C PHE A 115 7.38 -9.80 1.61
N THR A 116 8.03 -9.36 0.57
CA THR A 116 7.40 -9.36 -0.78
C THR A 116 6.70 -10.71 -1.04
N ARG A 117 7.41 -11.77 -0.83
CA ARG A 117 6.85 -13.14 -1.08
C ARG A 117 5.51 -13.36 -0.36
N ASN A 118 5.38 -12.91 0.86
CA ASN A 118 4.10 -13.16 1.59
C ASN A 118 2.99 -12.25 1.05
N ILE A 119 3.28 -11.00 0.90
CA ILE A 119 2.28 -10.04 0.38
C ILE A 119 1.81 -10.44 -1.02
N ASP A 120 2.73 -10.46 -1.93
CA ASP A 120 2.41 -10.77 -3.35
C ASP A 120 1.90 -12.20 -3.53
N ALA A 121 2.05 -13.01 -2.54
CA ALA A 121 1.58 -14.42 -2.67
C ALA A 121 0.08 -14.44 -3.00
N ALA A 122 -0.66 -13.47 -2.49
CA ALA A 122 -2.14 -13.44 -2.76
C ALA A 122 -2.43 -12.85 -4.15
N LYS A 123 -1.45 -12.41 -4.88
CA LYS A 123 -1.71 -11.83 -6.22
C LYS A 123 -0.33 -11.44 -6.81
N PRO A 124 0.03 -11.89 -7.98
CA PRO A 124 1.37 -11.57 -8.54
C PRO A 124 1.50 -10.12 -9.02
N GLY A 125 2.60 -9.50 -8.67
CA GLY A 125 2.87 -8.11 -9.12
C GLY A 125 2.15 -7.09 -8.26
N LEU A 126 1.24 -7.50 -7.41
CA LEU A 126 0.55 -6.46 -6.57
C LEU A 126 1.60 -5.66 -5.81
N ALA A 127 2.63 -6.32 -5.35
CA ALA A 127 3.70 -5.62 -4.59
C ALA A 127 4.28 -4.48 -5.42
N ALA A 128 4.75 -4.80 -6.60
CA ALA A 128 5.35 -3.76 -7.48
C ALA A 128 4.34 -2.64 -7.72
N TYR A 129 3.11 -2.99 -7.93
CA TYR A 129 2.09 -1.92 -8.20
C TYR A 129 1.98 -1.04 -6.95
N MET A 130 1.83 -1.66 -5.82
CA MET A 130 1.70 -0.89 -4.57
C MET A 130 2.93 0.02 -4.44
N ARG A 131 4.11 -0.50 -4.68
CA ARG A 131 5.34 0.35 -4.65
C ARG A 131 5.07 1.59 -5.51
N ASP A 132 4.56 1.40 -6.70
CA ASP A 132 4.26 2.56 -7.58
C ASP A 132 3.22 3.46 -6.90
N ALA A 133 2.26 2.86 -6.26
CA ALA A 133 1.19 3.60 -5.55
C ALA A 133 1.76 4.51 -4.46
N ILE A 134 2.66 3.96 -3.71
CA ILE A 134 3.26 4.69 -2.57
C ILE A 134 3.95 5.97 -3.03
N LEU A 135 4.83 5.85 -3.97
CA LEU A 135 5.58 7.03 -4.46
C LEU A 135 4.67 8.09 -5.06
N ALA A 136 3.74 7.70 -5.89
CA ALA A 136 2.89 8.74 -6.52
C ALA A 136 2.16 9.55 -5.47
N ASN A 137 1.52 8.88 -4.55
CA ASN A 137 0.82 9.60 -3.48
C ASN A 137 1.80 10.47 -2.69
N ALA A 138 2.92 9.90 -2.36
CA ALA A 138 3.94 10.66 -1.59
C ALA A 138 4.40 11.85 -2.40
N VAL A 139 4.74 11.65 -3.64
CA VAL A 139 5.24 12.76 -4.48
C VAL A 139 4.23 13.90 -4.55
N ARG A 140 2.97 13.63 -4.76
CA ARG A 140 2.03 14.78 -4.84
C ARG A 140 2.00 15.48 -3.49
N HIS A 141 2.43 14.80 -2.46
CA HIS A 141 2.44 15.40 -1.10
C HIS A 141 3.85 15.95 -0.83
N THR A 142 4.84 15.12 -0.88
CA THR A 142 6.24 15.58 -0.67
C THR A 142 6.29 16.56 0.51
N PRO A 143 6.51 16.07 1.71
CA PRO A 143 6.56 16.94 2.92
C PRO A 143 7.93 17.63 3.06
N TRP A 50 -11.68 -9.70 19.31
CA TRP A 50 -10.51 -8.83 19.64
C TRP A 50 -10.33 -7.79 18.52
N GLN A 51 -11.07 -7.91 17.46
CA GLN A 51 -10.94 -6.92 16.34
C GLN A 51 -9.48 -6.85 15.90
N ARG A 52 -8.93 -7.95 15.46
CA ARG A 52 -7.52 -7.96 15.01
C ARG A 52 -7.33 -6.97 13.86
N ILE A 53 -6.28 -6.21 13.87
CA ILE A 53 -6.05 -5.23 12.77
C ILE A 53 -5.49 -5.98 11.56
N GLN A 54 -6.12 -7.07 11.18
CA GLN A 54 -5.65 -7.87 10.01
C GLN A 54 -6.73 -7.86 8.92
N ASP A 55 -7.95 -8.15 9.28
CA ASP A 55 -9.05 -8.17 8.28
C ASP A 55 -9.16 -6.79 7.61
N GLU A 56 -9.05 -5.74 8.39
CA GLU A 56 -9.17 -4.38 7.82
C GLU A 56 -8.06 -4.14 6.79
N ALA A 57 -6.85 -4.47 7.12
CA ALA A 57 -5.76 -4.31 6.15
C ALA A 57 -6.04 -5.20 4.93
N ASP A 58 -6.44 -6.42 5.18
CA ASP A 58 -6.71 -7.35 4.07
C ASP A 58 -7.84 -6.83 3.18
N GLU A 59 -8.79 -6.11 3.73
CA GLU A 59 -9.88 -5.54 2.89
C GLU A 59 -9.26 -4.58 1.88
N LEU A 60 -8.21 -3.93 2.30
CA LEU A 60 -7.51 -2.96 1.42
C LEU A 60 -6.85 -3.72 0.26
N THR A 61 -6.22 -4.81 0.57
CA THR A 61 -5.55 -5.61 -0.50
C THR A 61 -6.57 -5.89 -1.60
N ARG A 62 -7.69 -6.47 -1.23
CA ARG A 62 -8.76 -6.72 -2.22
C ARG A 62 -9.14 -5.40 -2.86
N ARG A 63 -9.09 -4.36 -2.11
CA ARG A 63 -9.44 -3.04 -2.66
C ARG A 63 -8.36 -2.63 -3.64
N PHE A 64 -7.11 -2.75 -3.27
CA PHE A 64 -5.99 -2.39 -4.21
C PHE A 64 -6.01 -3.35 -5.39
N VAL A 65 -6.15 -4.59 -5.10
CA VAL A 65 -6.16 -5.61 -6.16
C VAL A 65 -7.31 -5.33 -7.08
N ALA A 66 -8.41 -4.97 -6.53
CA ALA A 66 -9.57 -4.63 -7.40
C ALA A 66 -9.13 -3.53 -8.36
N LEU A 67 -8.31 -2.62 -7.91
CA LEU A 67 -7.81 -1.56 -8.80
C LEU A 67 -6.98 -2.20 -9.89
N MET A 68 -6.14 -3.11 -9.54
CA MET A 68 -5.32 -3.76 -10.58
C MET A 68 -6.25 -4.35 -11.61
N ASP A 69 -7.30 -4.94 -11.16
CA ASP A 69 -8.21 -5.62 -12.10
C ASP A 69 -8.63 -4.61 -13.16
N ALA A 70 -8.88 -3.40 -12.77
CA ALA A 70 -9.26 -2.35 -13.76
C ALA A 70 -8.00 -1.90 -14.50
N GLY A 71 -6.85 -2.21 -13.98
CA GLY A 71 -5.61 -1.74 -14.66
C GLY A 71 -5.65 -0.21 -14.62
N GLU A 72 -6.13 0.33 -13.54
CA GLU A 72 -6.17 1.81 -13.38
C GLU A 72 -4.75 2.30 -13.16
N PRO A 73 -4.51 3.56 -13.28
CA PRO A 73 -3.16 4.13 -13.01
C PRO A 73 -2.93 4.18 -11.49
N ALA A 74 -1.90 3.58 -11.01
CA ALA A 74 -1.66 3.57 -9.54
C ALA A 74 -1.71 5.00 -9.03
N ASP A 75 -1.61 5.92 -9.92
CA ASP A 75 -1.67 7.36 -9.56
C ASP A 75 -3.13 7.79 -9.62
N SER A 76 -4.01 6.83 -9.62
CA SER A 76 -5.47 7.13 -9.66
C SER A 76 -5.90 7.72 -8.31
N GLU A 77 -6.58 8.83 -8.37
CA GLU A 77 -7.11 9.48 -7.12
C GLU A 77 -7.75 8.41 -6.27
N GLY A 78 -8.49 7.55 -6.88
CA GLY A 78 -9.15 6.45 -6.13
C GLY A 78 -8.06 5.57 -5.54
N ALA A 79 -7.12 5.21 -6.34
CA ALA A 79 -6.00 4.38 -5.87
C ALA A 79 -5.17 5.17 -4.88
N MET A 80 -4.76 6.33 -5.28
CA MET A 80 -3.96 7.20 -4.41
C MET A 80 -4.79 7.48 -3.17
N ASP A 81 -6.05 7.74 -3.34
CA ASP A 81 -6.90 7.97 -2.16
C ASP A 81 -6.81 6.72 -1.31
N ALA A 82 -6.73 5.58 -1.95
CA ALA A 82 -6.56 4.33 -1.22
C ALA A 82 -5.24 4.41 -0.51
N ALA A 83 -4.24 4.91 -1.18
CA ALA A 83 -2.94 5.08 -0.52
C ALA A 83 -3.18 5.93 0.73
N GLU A 84 -3.95 6.97 0.62
CA GLU A 84 -4.22 7.81 1.81
C GLU A 84 -4.84 6.90 2.87
N ASP A 85 -5.80 6.11 2.48
CA ASP A 85 -6.43 5.18 3.46
C ASP A 85 -5.36 4.22 3.98
N HIS A 86 -4.56 3.68 3.11
CA HIS A 86 -3.48 2.75 3.54
C HIS A 86 -2.69 3.40 4.68
N ARG A 87 -2.12 4.53 4.41
CA ARG A 87 -1.34 5.26 5.45
C ARG A 87 -2.19 5.50 6.70
N GLN A 88 -3.42 5.90 6.53
CA GLN A 88 -4.28 6.17 7.71
C GLN A 88 -4.39 4.92 8.59
N GLY A 89 -4.60 3.78 7.99
CA GLY A 89 -4.72 2.52 8.78
C GLY A 89 -3.42 2.23 9.52
N ILE A 90 -2.30 2.45 8.90
CA ILE A 90 -1.01 2.18 9.57
C ILE A 90 -0.87 3.13 10.77
N ALA A 91 -0.91 4.40 10.52
CA ALA A 91 -0.78 5.39 11.62
C ALA A 91 -1.83 5.12 12.71
N ARG A 92 -3.00 4.67 12.34
CA ARG A 92 -4.05 4.47 13.36
C ARG A 92 -3.60 3.39 14.35
N ASN A 93 -3.06 2.31 13.85
CA ASN A 93 -2.59 1.22 14.75
C ASN A 93 -1.21 1.57 15.31
N HIS A 94 -0.35 2.09 14.48
CA HIS A 94 1.02 2.46 14.96
C HIS A 94 0.97 3.84 15.62
N TYR A 95 1.90 4.12 16.48
CA TYR A 95 1.90 5.46 17.16
C TYR A 95 1.80 6.56 16.11
N ASP A 96 2.60 6.49 15.08
CA ASP A 96 2.55 7.53 14.03
C ASP A 96 3.27 7.03 12.77
N CYS A 97 2.91 7.54 11.62
CA CYS A 97 3.56 7.10 10.35
C CYS A 97 3.53 8.25 9.35
N GLY A 98 4.67 8.70 8.89
CA GLY A 98 4.70 9.83 7.91
C GLY A 98 4.85 9.29 6.49
N TYR A 99 4.61 10.12 5.51
CA TYR A 99 4.72 9.69 4.11
C TYR A 99 6.09 9.05 3.91
N GLU A 100 7.04 9.55 4.62
CA GLU A 100 8.43 9.02 4.54
C GLU A 100 8.43 7.57 5.06
N MET A 101 7.85 7.35 6.20
CA MET A 101 7.81 5.98 6.75
C MET A 101 7.05 5.10 5.76
N HIS A 102 6.10 5.68 5.09
CA HIS A 102 5.32 4.90 4.08
C HIS A 102 6.27 4.48 2.97
N THR A 103 7.16 5.36 2.61
CA THR A 103 8.15 5.04 1.55
C THR A 103 9.02 3.86 1.98
N CYS A 104 9.28 3.78 3.26
CA CYS A 104 10.14 2.67 3.78
C CYS A 104 9.51 1.31 3.47
N LEU A 105 8.22 1.20 3.56
CA LEU A 105 7.57 -0.11 3.28
C LEU A 105 7.79 -0.45 1.80
N GLY A 106 7.77 0.53 0.95
CA GLY A 106 7.98 0.27 -0.50
C GLY A 106 9.26 -0.55 -0.67
N GLU A 107 10.25 -0.30 0.14
CA GLU A 107 11.51 -1.07 0.04
C GLU A 107 11.22 -2.54 0.25
N MET A 108 10.61 -2.90 1.34
CA MET A 108 10.33 -4.36 1.58
C MET A 108 9.47 -4.91 0.45
N TYR A 109 8.64 -4.10 -0.14
CA TYR A 109 7.78 -4.61 -1.23
C TYR A 109 8.69 -5.04 -2.40
N VAL A 110 9.96 -4.78 -2.32
CA VAL A 110 10.88 -5.15 -3.44
C VAL A 110 12.30 -5.48 -2.91
N SER A 111 12.76 -4.74 -1.94
CA SER A 111 14.14 -4.97 -1.40
C SER A 111 14.21 -6.19 -0.47
N ASP A 112 13.08 -6.71 -0.02
CA ASP A 112 13.12 -7.90 0.91
C ASP A 112 12.24 -9.03 0.37
N GLU A 113 12.81 -9.90 -0.41
CA GLU A 113 12.03 -11.04 -0.96
C GLU A 113 11.25 -11.75 0.15
N ARG A 114 11.59 -11.51 1.39
CA ARG A 114 10.86 -12.18 2.50
C ARG A 114 9.44 -11.63 2.54
N PHE A 115 9.30 -10.34 2.58
CA PHE A 115 7.94 -9.74 2.65
C PHE A 115 7.29 -9.78 1.26
N THR A 116 7.99 -9.32 0.25
CA THR A 116 7.43 -9.35 -1.13
C THR A 116 6.78 -10.71 -1.41
N ARG A 117 7.52 -11.75 -1.17
CA ARG A 117 7.01 -13.13 -1.42
C ARG A 117 5.67 -13.37 -0.70
N ASN A 118 5.55 -12.92 0.51
CA ASN A 118 4.28 -13.17 1.27
C ASN A 118 3.16 -12.26 0.76
N ILE A 119 3.44 -11.01 0.61
CA ILE A 119 2.42 -10.05 0.13
C ILE A 119 1.93 -10.47 -1.27
N ASP A 120 2.84 -10.50 -2.19
CA ASP A 120 2.50 -10.83 -3.60
C ASP A 120 1.99 -12.27 -3.74
N ALA A 121 2.13 -13.06 -2.73
CA ALA A 121 1.63 -14.46 -2.83
C ALA A 121 0.13 -14.47 -3.14
N ALA A 122 -0.60 -13.51 -2.62
CA ALA A 122 -2.07 -13.47 -2.86
C ALA A 122 -2.40 -12.87 -4.23
N LYS A 123 -1.41 -12.42 -4.96
CA LYS A 123 -1.69 -11.83 -6.29
C LYS A 123 -0.32 -11.41 -6.87
N PRO A 124 0.03 -11.86 -8.06
CA PRO A 124 1.37 -11.53 -8.62
C PRO A 124 1.50 -10.07 -9.09
N GLY A 125 2.59 -9.47 -8.74
CA GLY A 125 2.86 -8.06 -9.18
C GLY A 125 2.16 -7.05 -8.29
N LEU A 126 1.25 -7.46 -7.44
CA LEU A 126 0.59 -6.45 -6.58
C LEU A 126 1.66 -5.70 -5.78
N ALA A 127 2.66 -6.40 -5.32
CA ALA A 127 3.73 -5.75 -4.53
C ALA A 127 4.38 -4.63 -5.34
N ALA A 128 4.87 -4.97 -6.51
CA ALA A 128 5.51 -3.95 -7.38
C ALA A 128 4.51 -2.84 -7.67
N TYR A 129 3.29 -3.19 -7.93
CA TYR A 129 2.27 -2.16 -8.24
C TYR A 129 2.07 -1.29 -7.00
N MET A 130 1.90 -1.92 -5.88
CA MET A 130 1.67 -1.16 -4.62
C MET A 130 2.85 -0.18 -4.43
N ARG A 131 4.05 -0.66 -4.57
CA ARG A 131 5.23 0.23 -4.46
C ARG A 131 5.00 1.48 -5.32
N ASP A 132 4.55 1.29 -6.52
CA ASP A 132 4.26 2.45 -7.41
C ASP A 132 3.20 3.35 -6.75
N ALA A 133 2.25 2.73 -6.09
CA ALA A 133 1.15 3.46 -5.40
C ALA A 133 1.69 4.40 -4.32
N ILE A 134 2.60 3.89 -3.55
CA ILE A 134 3.18 4.65 -2.41
C ILE A 134 3.84 5.95 -2.87
N LEU A 135 4.75 5.86 -3.78
CA LEU A 135 5.48 7.05 -4.26
C LEU A 135 4.55 8.07 -4.89
N ALA A 136 3.64 7.65 -5.74
CA ALA A 136 2.79 8.66 -6.42
C ALA A 136 2.06 9.48 -5.37
N ASN A 137 1.41 8.83 -4.46
CA ASN A 137 0.71 9.56 -3.39
C ASN A 137 1.69 10.42 -2.61
N ALA A 138 2.81 9.84 -2.26
CA ALA A 138 3.83 10.56 -1.48
C ALA A 138 4.34 11.75 -2.30
N VAL A 139 4.69 11.52 -3.53
CA VAL A 139 5.21 12.60 -4.37
C VAL A 139 4.24 13.76 -4.48
N ARG A 140 2.98 13.50 -4.73
CA ARG A 140 2.04 14.66 -4.83
C ARG A 140 1.96 15.37 -3.47
N HIS A 141 2.33 14.65 -2.43
CA HIS A 141 2.27 15.25 -1.07
C HIS A 141 3.66 15.79 -0.68
N THR A 142 4.63 14.91 -0.60
CA THR A 142 6.03 15.33 -0.24
C THR A 142 6.02 16.15 1.08
N PRO A 143 7.07 16.08 1.86
CA PRO A 143 7.15 16.83 3.15
C PRO A 143 7.34 18.33 2.92
N TRP A 50 -11.42 -3.25 15.91
CA TRP A 50 -12.14 -4.03 16.95
C TRP A 50 -11.41 -5.35 17.20
N GLN A 51 -10.60 -5.78 16.25
CA GLN A 51 -9.85 -7.05 16.42
C GLN A 51 -8.44 -6.88 15.85
N ARG A 52 -7.74 -7.97 15.64
CA ARG A 52 -6.36 -7.85 15.08
C ARG A 52 -6.38 -6.93 13.86
N ILE A 53 -5.39 -6.09 13.72
CA ILE A 53 -5.36 -5.17 12.54
C ILE A 53 -4.87 -5.95 11.32
N GLN A 54 -5.54 -7.03 11.00
CA GLN A 54 -5.15 -7.86 9.81
C GLN A 54 -6.28 -7.84 8.79
N ASP A 55 -7.48 -8.12 9.23
CA ASP A 55 -8.64 -8.11 8.29
C ASP A 55 -8.77 -6.74 7.63
N GLU A 56 -8.63 -5.70 8.39
CA GLU A 56 -8.76 -4.33 7.82
C GLU A 56 -7.67 -4.10 6.77
N ALA A 57 -6.45 -4.45 7.08
CA ALA A 57 -5.36 -4.32 6.09
C ALA A 57 -5.68 -5.21 4.90
N ASP A 58 -6.08 -6.42 5.16
CA ASP A 58 -6.38 -7.37 4.06
C ASP A 58 -7.52 -6.83 3.18
N GLU A 59 -8.45 -6.12 3.75
CA GLU A 59 -9.54 -5.53 2.92
C GLU A 59 -8.93 -4.55 1.91
N LEU A 60 -7.90 -3.89 2.34
CA LEU A 60 -7.21 -2.90 1.46
C LEU A 60 -6.52 -3.64 0.30
N THR A 61 -5.91 -4.74 0.59
CA THR A 61 -5.23 -5.51 -0.47
C THR A 61 -6.23 -5.76 -1.60
N ARG A 62 -7.35 -6.31 -1.25
CA ARG A 62 -8.43 -6.53 -2.24
C ARG A 62 -8.78 -5.21 -2.88
N ARG A 63 -8.78 -4.17 -2.11
CA ARG A 63 -9.12 -2.86 -2.67
C ARG A 63 -8.05 -2.47 -3.67
N PHE A 64 -6.80 -2.59 -3.29
CA PHE A 64 -5.69 -2.24 -4.24
C PHE A 64 -5.72 -3.19 -5.42
N VAL A 65 -5.84 -4.44 -5.13
CA VAL A 65 -5.87 -5.44 -6.18
C VAL A 65 -7.05 -5.17 -7.07
N ALA A 66 -8.12 -4.80 -6.48
CA ALA A 66 -9.32 -4.46 -7.31
C ALA A 66 -8.91 -3.36 -8.31
N LEU A 67 -8.05 -2.46 -7.90
CA LEU A 67 -7.58 -1.41 -8.82
C LEU A 67 -6.82 -2.07 -9.95
N MET A 68 -5.99 -2.98 -9.63
CA MET A 68 -5.24 -3.68 -10.69
C MET A 68 -6.23 -4.30 -11.65
N ASP A 69 -7.26 -4.88 -11.13
CA ASP A 69 -8.22 -5.56 -12.01
C ASP A 69 -8.69 -4.58 -13.08
N ALA A 70 -8.98 -3.37 -12.68
CA ALA A 70 -9.39 -2.35 -13.68
C ALA A 70 -8.14 -1.86 -14.40
N GLY A 71 -6.99 -2.14 -13.85
CA GLY A 71 -5.74 -1.64 -14.48
C GLY A 71 -5.81 -0.12 -14.46
N GLU A 72 -6.27 0.43 -13.36
CA GLU A 72 -6.32 1.91 -13.24
C GLU A 72 -4.90 2.44 -13.08
N PRO A 73 -4.73 3.72 -13.20
CA PRO A 73 -3.40 4.35 -12.98
C PRO A 73 -3.13 4.40 -11.48
N ALA A 74 -2.07 3.82 -11.02
CA ALA A 74 -1.80 3.83 -9.56
C ALA A 74 -1.86 5.25 -9.05
N ASP A 75 -1.83 6.17 -9.96
CA ASP A 75 -1.92 7.62 -9.61
C ASP A 75 -3.39 8.02 -9.63
N SER A 76 -4.26 7.05 -9.60
CA SER A 76 -5.72 7.34 -9.61
C SER A 76 -6.12 7.95 -8.26
N GLU A 77 -6.80 9.06 -8.30
CA GLU A 77 -7.30 9.72 -7.06
C GLU A 77 -7.95 8.66 -6.19
N GLY A 78 -8.71 7.80 -6.79
CA GLY A 78 -9.36 6.72 -6.01
C GLY A 78 -8.28 5.82 -5.44
N ALA A 79 -7.36 5.46 -6.27
CA ALA A 79 -6.23 4.61 -5.84
C ALA A 79 -5.38 5.39 -4.85
N MET A 80 -4.96 6.55 -5.25
CA MET A 80 -4.14 7.40 -4.40
C MET A 80 -4.94 7.71 -3.15
N ASP A 81 -6.20 7.99 -3.31
CA ASP A 81 -7.02 8.24 -2.11
C ASP A 81 -6.91 7.00 -1.23
N ALA A 82 -6.85 5.87 -1.86
CA ALA A 82 -6.67 4.61 -1.12
C ALA A 82 -5.31 4.70 -0.45
N ALA A 83 -4.35 5.19 -1.16
CA ALA A 83 -3.02 5.37 -0.55
C ALA A 83 -3.21 6.25 0.69
N GLU A 84 -3.97 7.31 0.57
CA GLU A 84 -4.20 8.18 1.75
C GLU A 84 -4.82 7.32 2.84
N ASP A 85 -5.82 6.56 2.49
CA ASP A 85 -6.46 5.67 3.52
C ASP A 85 -5.42 4.69 4.04
N HIS A 86 -4.68 4.09 3.15
CA HIS A 86 -3.63 3.13 3.57
C HIS A 86 -2.77 3.77 4.66
N ARG A 87 -2.16 4.88 4.34
CA ARG A 87 -1.30 5.60 5.33
C ARG A 87 -2.08 5.89 6.61
N GLN A 88 -3.31 6.31 6.49
CA GLN A 88 -4.10 6.64 7.72
C GLN A 88 -4.18 5.41 8.64
N GLY A 89 -4.41 4.26 8.08
CA GLY A 89 -4.54 3.02 8.91
C GLY A 89 -3.19 2.65 9.54
N ILE A 90 -2.12 2.79 8.82
CA ILE A 90 -0.79 2.43 9.39
C ILE A 90 -0.47 3.36 10.57
N ALA A 91 -0.42 4.64 10.31
CA ALA A 91 -0.10 5.61 11.38
C ALA A 91 -1.07 5.44 12.57
N ARG A 92 -2.28 5.05 12.32
CA ARG A 92 -3.25 4.92 13.45
C ARG A 92 -2.76 3.84 14.43
N ASN A 93 -2.20 2.78 13.94
CA ASN A 93 -1.69 1.71 14.83
C ASN A 93 -0.37 2.14 15.48
N HIS A 94 0.37 3.01 14.82
CA HIS A 94 1.67 3.48 15.38
C HIS A 94 1.54 4.94 15.83
N TYR A 95 2.62 5.67 15.83
CA TYR A 95 2.55 7.10 16.26
C TYR A 95 3.86 7.80 15.87
N ASP A 96 3.97 8.23 14.64
CA ASP A 96 5.22 8.92 14.21
C ASP A 96 4.99 9.56 12.84
N CYS A 97 5.97 9.52 11.98
CA CYS A 97 5.80 10.14 10.63
C CYS A 97 4.67 9.43 9.89
N GLY A 98 4.69 9.46 8.58
CA GLY A 98 3.61 8.79 7.80
C GLY A 98 4.13 8.45 6.40
N TYR A 99 4.25 9.42 5.54
CA TYR A 99 4.74 9.17 4.17
C TYR A 99 6.05 8.40 4.19
N GLU A 100 6.89 8.76 5.10
CA GLU A 100 8.22 8.10 5.19
C GLU A 100 8.02 6.65 5.58
N MET A 101 7.28 6.42 6.63
CA MET A 101 7.02 5.03 7.08
C MET A 101 6.25 4.33 5.97
N HIS A 102 5.45 5.08 5.25
CA HIS A 102 4.68 4.48 4.13
C HIS A 102 5.68 4.10 3.04
N THR A 103 6.58 5.01 2.73
CA THR A 103 7.61 4.73 1.70
C THR A 103 8.48 3.56 2.14
N CYS A 104 8.70 3.43 3.42
CA CYS A 104 9.55 2.33 3.92
C CYS A 104 8.94 0.99 3.54
N LEU A 105 7.63 0.88 3.57
CA LEU A 105 6.98 -0.40 3.18
C LEU A 105 7.32 -0.66 1.71
N GLY A 106 7.38 0.37 0.91
CA GLY A 106 7.72 0.18 -0.52
C GLY A 106 8.99 -0.64 -0.65
N GLU A 107 9.98 -0.35 0.17
CA GLU A 107 11.25 -1.08 0.10
C GLU A 107 11.01 -2.56 0.34
N MET A 108 10.42 -2.91 1.45
CA MET A 108 10.19 -4.36 1.73
C MET A 108 9.30 -4.96 0.64
N TYR A 109 8.42 -4.19 0.08
CA TYR A 109 7.53 -4.72 -0.98
C TYR A 109 8.40 -5.17 -2.17
N VAL A 110 9.68 -4.89 -2.14
CA VAL A 110 10.57 -5.28 -3.28
C VAL A 110 12.00 -5.55 -2.80
N SER A 111 12.50 -4.77 -1.88
CA SER A 111 13.91 -4.95 -1.40
C SER A 111 14.06 -6.14 -0.44
N ASP A 112 12.98 -6.68 0.06
CA ASP A 112 13.08 -7.83 1.04
C ASP A 112 12.29 -9.04 0.53
N GLU A 113 12.92 -9.90 -0.21
CA GLU A 113 12.22 -11.10 -0.71
C GLU A 113 11.48 -11.80 0.43
N ARG A 114 11.83 -11.52 1.64
CA ARG A 114 11.12 -12.18 2.78
C ARG A 114 9.70 -11.66 2.82
N PHE A 115 9.54 -10.37 2.81
CA PHE A 115 8.16 -9.79 2.86
C PHE A 115 7.52 -9.84 1.46
N THR A 116 8.20 -9.38 0.46
CA THR A 116 7.63 -9.41 -0.93
C THR A 116 6.99 -10.77 -1.19
N ARG A 117 7.72 -11.81 -0.97
CA ARG A 117 7.22 -13.19 -1.22
C ARG A 117 5.88 -13.43 -0.52
N ASN A 118 5.71 -12.96 0.68
CA ASN A 118 4.43 -13.23 1.40
C ASN A 118 3.29 -12.36 0.84
N ILE A 119 3.56 -11.10 0.66
CA ILE A 119 2.53 -10.18 0.12
C ILE A 119 2.08 -10.63 -1.27
N ASP A 120 3.01 -10.64 -2.17
CA ASP A 120 2.69 -10.98 -3.59
C ASP A 120 2.20 -12.43 -3.74
N ALA A 121 2.36 -13.22 -2.72
CA ALA A 121 1.91 -14.63 -2.82
C ALA A 121 0.40 -14.68 -3.15
N ALA A 122 -0.35 -13.70 -2.71
CA ALA A 122 -1.82 -13.70 -3.00
C ALA A 122 -2.11 -13.20 -4.41
N LYS A 123 -1.13 -12.71 -5.12
CA LYS A 123 -1.38 -12.24 -6.52
C LYS A 123 -0.02 -11.77 -7.07
N PRO A 124 0.36 -12.17 -8.26
CA PRO A 124 1.68 -11.80 -8.82
C PRO A 124 1.78 -10.33 -9.26
N GLY A 125 2.89 -9.72 -8.93
CA GLY A 125 3.15 -8.32 -9.34
C GLY A 125 2.34 -7.35 -8.48
N LEU A 126 1.45 -7.83 -7.66
CA LEU A 126 0.67 -6.87 -6.84
C LEU A 126 1.64 -6.00 -6.03
N ALA A 127 2.70 -6.59 -5.54
CA ALA A 127 3.70 -5.83 -4.74
C ALA A 127 4.26 -4.68 -5.58
N ALA A 128 4.75 -4.98 -6.74
CA ALA A 128 5.35 -3.93 -7.62
C ALA A 128 4.32 -2.84 -7.89
N TYR A 129 3.10 -3.20 -8.13
CA TYR A 129 2.08 -2.14 -8.41
C TYR A 129 1.92 -1.29 -7.16
N MET A 130 1.82 -1.92 -6.02
CA MET A 130 1.66 -1.15 -4.77
C MET A 130 2.83 -0.17 -4.66
N ARG A 131 4.04 -0.62 -4.90
CA ARG A 131 5.22 0.30 -4.88
C ARG A 131 4.89 1.53 -5.74
N ASP A 132 4.37 1.31 -6.92
CA ASP A 132 4.01 2.44 -7.80
C ASP A 132 2.97 3.32 -7.10
N ALA A 133 2.04 2.70 -6.44
CA ALA A 133 0.98 3.43 -5.69
C ALA A 133 1.58 4.30 -4.59
N ILE A 134 2.48 3.73 -3.86
CA ILE A 134 3.11 4.42 -2.70
C ILE A 134 3.82 5.72 -3.12
N LEU A 135 4.73 5.61 -4.04
CA LEU A 135 5.50 6.81 -4.49
C LEU A 135 4.58 7.87 -5.09
N ALA A 136 3.66 7.48 -5.92
CA ALA A 136 2.80 8.53 -6.54
C ALA A 136 2.11 9.32 -5.47
N ASN A 137 1.48 8.66 -4.55
CA ASN A 137 0.81 9.36 -3.45
C ASN A 137 1.81 10.22 -2.67
N ALA A 138 2.94 9.65 -2.35
CA ALA A 138 3.96 10.40 -1.60
C ALA A 138 4.44 11.58 -2.43
N VAL A 139 4.76 11.35 -3.67
CA VAL A 139 5.26 12.43 -4.53
C VAL A 139 4.27 13.59 -4.63
N ARG A 140 3.00 13.34 -4.81
CA ARG A 140 2.07 14.51 -4.90
C ARG A 140 2.09 15.25 -3.57
N HIS A 141 2.54 14.58 -2.54
CA HIS A 141 2.62 15.23 -1.20
C HIS A 141 4.04 15.75 -1.01
N THR A 142 5.02 14.89 -1.10
CA THR A 142 6.43 15.33 -0.96
C THR A 142 6.56 16.29 0.24
N PRO A 143 6.62 15.76 1.43
CA PRO A 143 6.73 16.58 2.67
C PRO A 143 8.17 17.01 2.95
N TRP A 50 -4.99 -5.22 22.82
CA TRP A 50 -4.56 -4.71 21.48
C TRP A 50 -5.43 -5.35 20.39
N GLN A 51 -6.02 -4.55 19.56
CA GLN A 51 -6.89 -5.11 18.48
C GLN A 51 -6.00 -5.75 17.40
N ARG A 52 -6.51 -6.73 16.70
CA ARG A 52 -5.70 -7.39 15.64
C ARG A 52 -5.65 -6.50 14.39
N ILE A 53 -6.78 -6.00 13.96
CA ILE A 53 -6.78 -5.13 12.76
C ILE A 53 -6.09 -5.85 11.60
N GLN A 54 -6.62 -6.97 11.20
CA GLN A 54 -6.01 -7.75 10.06
C GLN A 54 -7.01 -7.80 8.91
N ASP A 55 -8.22 -8.19 9.17
CA ASP A 55 -9.25 -8.25 8.10
C ASP A 55 -9.40 -6.88 7.44
N GLU A 56 -9.36 -5.85 8.23
CA GLU A 56 -9.51 -4.48 7.67
C GLU A 56 -8.38 -4.16 6.69
N ALA A 57 -7.17 -4.46 7.07
CA ALA A 57 -6.03 -4.24 6.16
C ALA A 57 -6.22 -5.13 4.94
N ASP A 58 -6.60 -6.36 5.15
CA ASP A 58 -6.78 -7.30 4.03
C ASP A 58 -7.88 -6.78 3.09
N GLU A 59 -8.85 -6.09 3.61
CA GLU A 59 -9.91 -5.51 2.74
C GLU A 59 -9.29 -4.52 1.75
N LEU A 60 -8.26 -3.85 2.20
CA LEU A 60 -7.57 -2.86 1.34
C LEU A 60 -6.86 -3.59 0.20
N THR A 61 -6.22 -4.68 0.51
CA THR A 61 -5.50 -5.45 -0.54
C THR A 61 -6.50 -5.74 -1.66
N ARG A 62 -7.60 -6.32 -1.32
CA ARG A 62 -8.65 -6.59 -2.34
C ARG A 62 -8.99 -5.28 -3.01
N ARG A 63 -9.01 -4.22 -2.26
CA ARG A 63 -9.33 -2.92 -2.86
C ARG A 63 -8.18 -2.54 -3.78
N PHE A 64 -6.96 -2.69 -3.34
CA PHE A 64 -5.80 -2.35 -4.21
C PHE A 64 -5.79 -3.30 -5.38
N VAL A 65 -5.92 -4.54 -5.11
CA VAL A 65 -5.92 -5.52 -6.18
C VAL A 65 -7.05 -5.22 -7.12
N ALA A 66 -8.14 -4.83 -6.57
CA ALA A 66 -9.29 -4.45 -7.45
C ALA A 66 -8.79 -3.37 -8.41
N LEU A 67 -7.91 -2.50 -7.97
CA LEU A 67 -7.38 -1.47 -8.88
C LEU A 67 -6.64 -2.15 -9.99
N MET A 68 -5.84 -3.10 -9.66
CA MET A 68 -5.11 -3.82 -10.72
C MET A 68 -6.11 -4.41 -11.68
N ASP A 69 -7.14 -4.99 -11.15
CA ASP A 69 -8.12 -5.67 -12.02
C ASP A 69 -8.58 -4.69 -13.09
N ALA A 70 -8.89 -3.50 -12.69
CA ALA A 70 -9.31 -2.47 -13.69
C ALA A 70 -8.06 -1.96 -14.40
N GLY A 71 -6.90 -2.23 -13.85
CA GLY A 71 -5.66 -1.71 -14.48
C GLY A 71 -5.74 -0.19 -14.44
N GLU A 72 -6.23 0.34 -13.36
CA GLU A 72 -6.31 1.81 -13.22
C GLU A 72 -4.89 2.34 -13.01
N PRO A 73 -4.72 3.62 -13.11
CA PRO A 73 -3.39 4.25 -12.86
C PRO A 73 -3.15 4.29 -11.35
N ALA A 74 -2.12 3.68 -10.88
CA ALA A 74 -1.87 3.67 -9.41
C ALA A 74 -1.92 5.09 -8.89
N ASP A 75 -1.85 6.01 -9.80
CA ASP A 75 -1.92 7.45 -9.44
C ASP A 75 -3.39 7.89 -9.49
N SER A 76 -4.27 6.94 -9.49
CA SER A 76 -5.73 7.27 -9.52
C SER A 76 -6.14 7.89 -8.19
N GLU A 77 -6.79 9.01 -8.23
CA GLU A 77 -7.28 9.67 -6.99
C GLU A 77 -7.93 8.62 -6.11
N GLY A 78 -8.70 7.77 -6.70
CA GLY A 78 -9.36 6.69 -5.91
C GLY A 78 -8.27 5.78 -5.37
N ALA A 79 -7.35 5.44 -6.22
CA ALA A 79 -6.22 4.58 -5.80
C ALA A 79 -5.36 5.34 -4.81
N MET A 80 -4.93 6.49 -5.20
CA MET A 80 -4.10 7.33 -4.34
C MET A 80 -4.91 7.64 -3.10
N ASP A 81 -6.16 7.91 -3.25
CA ASP A 81 -6.99 8.16 -2.04
C ASP A 81 -6.87 6.90 -1.19
N ALA A 82 -6.82 5.77 -1.85
CA ALA A 82 -6.66 4.51 -1.12
C ALA A 82 -5.30 4.58 -0.43
N ALA A 83 -4.33 5.04 -1.15
CA ALA A 83 -3.00 5.20 -0.52
C ALA A 83 -3.20 6.09 0.70
N GLU A 84 -3.93 7.16 0.56
CA GLU A 84 -4.17 8.05 1.72
C GLU A 84 -4.84 7.21 2.81
N ASP A 85 -5.86 6.49 2.47
CA ASP A 85 -6.55 5.64 3.48
C ASP A 85 -5.57 4.60 4.00
N HIS A 86 -4.87 3.96 3.11
CA HIS A 86 -3.87 2.94 3.54
C HIS A 86 -2.98 3.51 4.63
N ARG A 87 -2.30 4.59 4.32
CA ARG A 87 -1.41 5.23 5.33
C ARG A 87 -2.20 5.56 6.61
N GLN A 88 -3.41 6.01 6.48
CA GLN A 88 -4.22 6.35 7.68
C GLN A 88 -4.36 5.13 8.59
N GLY A 89 -4.64 3.98 8.02
CA GLY A 89 -4.81 2.76 8.84
C GLY A 89 -3.49 2.35 9.49
N ILE A 90 -2.40 2.46 8.77
CA ILE A 90 -1.09 2.08 9.37
C ILE A 90 -0.77 3.02 10.53
N ALA A 91 -0.70 4.28 10.26
CA ALA A 91 -0.39 5.27 11.33
C ALA A 91 -1.37 5.13 12.50
N ARG A 92 -2.62 4.81 12.23
CA ARG A 92 -3.60 4.71 13.34
C ARG A 92 -3.19 3.56 14.27
N ASN A 93 -2.78 2.45 13.71
CA ASN A 93 -2.36 1.29 14.54
C ASN A 93 -0.96 1.53 15.10
N HIS A 94 -0.08 2.07 14.31
CA HIS A 94 1.30 2.33 14.80
C HIS A 94 1.31 3.58 15.68
N TYR A 95 1.69 4.70 15.13
CA TYR A 95 1.71 5.96 15.94
C TYR A 95 1.58 7.17 15.01
N ASP A 96 2.57 7.41 14.19
CA ASP A 96 2.51 8.56 13.25
C ASP A 96 3.28 8.22 11.97
N CYS A 97 2.92 7.15 11.32
CA CYS A 97 3.64 6.77 10.07
C CYS A 97 3.59 7.93 9.09
N GLY A 98 4.73 8.43 8.67
CA GLY A 98 4.75 9.58 7.71
C GLY A 98 4.95 9.05 6.28
N TYR A 99 4.72 9.89 5.31
CA TYR A 99 4.86 9.45 3.91
C TYR A 99 6.25 8.83 3.73
N GLU A 100 7.18 9.34 4.46
CA GLU A 100 8.57 8.81 4.39
C GLU A 100 8.59 7.38 4.91
N MET A 101 8.04 7.16 6.08
CA MET A 101 8.00 5.78 6.63
C MET A 101 7.19 4.91 5.67
N HIS A 102 6.22 5.50 5.04
CA HIS A 102 5.38 4.73 4.08
C HIS A 102 6.27 4.34 2.89
N THR A 103 7.13 5.23 2.49
CA THR A 103 8.07 4.93 1.37
C THR A 103 8.98 3.78 1.77
N CYS A 104 9.30 3.70 3.03
CA CYS A 104 10.19 2.62 3.52
C CYS A 104 9.56 1.24 3.25
N LEU A 105 8.26 1.13 3.39
CA LEU A 105 7.62 -0.20 3.12
C LEU A 105 7.85 -0.56 1.66
N GLY A 106 7.81 0.42 0.79
CA GLY A 106 8.04 0.14 -0.65
C GLY A 106 9.33 -0.66 -0.81
N GLU A 107 10.31 -0.36 -0.01
CA GLU A 107 11.59 -1.10 -0.10
C GLU A 107 11.34 -2.59 0.14
N MET A 108 10.76 -2.95 1.24
CA MET A 108 10.52 -4.40 1.50
C MET A 108 9.66 -5.00 0.40
N TYR A 109 8.79 -4.24 -0.18
CA TYR A 109 7.94 -4.79 -1.26
C TYR A 109 8.85 -5.26 -2.41
N VAL A 110 10.13 -5.00 -2.31
CA VAL A 110 11.07 -5.41 -3.40
C VAL A 110 12.47 -5.70 -2.85
N SER A 111 12.91 -4.96 -1.87
CA SER A 111 14.29 -5.14 -1.32
C SER A 111 14.36 -6.35 -0.37
N ASP A 112 13.24 -6.82 0.14
CA ASP A 112 13.25 -7.98 1.09
C ASP A 112 12.40 -9.13 0.56
N GLU A 113 13.00 -9.99 -0.21
CA GLU A 113 12.25 -11.14 -0.77
C GLU A 113 11.47 -11.86 0.33
N ARG A 114 11.80 -11.61 1.57
CA ARG A 114 11.06 -12.29 2.67
C ARG A 114 9.63 -11.75 2.71
N PHE A 115 9.47 -10.46 2.74
CA PHE A 115 8.11 -9.87 2.78
C PHE A 115 7.46 -9.93 1.39
N THR A 116 8.17 -9.48 0.38
CA THR A 116 7.60 -9.52 -1.00
C THR A 116 6.94 -10.87 -1.26
N ARG A 117 7.66 -11.93 -1.03
CA ARG A 117 7.11 -13.29 -1.26
C ARG A 117 5.78 -13.50 -0.53
N ASN A 118 5.66 -13.03 0.68
CA ASN A 118 4.40 -13.26 1.44
C ASN A 118 3.29 -12.34 0.91
N ILE A 119 3.59 -11.09 0.74
CA ILE A 119 2.57 -10.14 0.23
C ILE A 119 2.07 -10.58 -1.15
N ASP A 120 2.97 -10.60 -2.07
CA ASP A 120 2.62 -10.96 -3.48
C ASP A 120 2.14 -12.41 -3.62
N ALA A 121 2.28 -13.19 -2.60
CA ALA A 121 1.83 -14.60 -2.71
C ALA A 121 0.33 -14.65 -3.06
N ALA A 122 -0.43 -13.67 -2.64
CA ALA A 122 -1.89 -13.66 -2.96
C ALA A 122 -2.15 -13.16 -4.37
N LYS A 123 -1.16 -12.67 -5.07
CA LYS A 123 -1.37 -12.19 -6.47
C LYS A 123 -0.02 -11.71 -7.00
N PRO A 124 0.36 -12.05 -8.21
CA PRO A 124 1.68 -11.66 -8.76
C PRO A 124 1.79 -10.19 -9.16
N GLY A 125 2.88 -9.58 -8.78
CA GLY A 125 3.13 -8.17 -9.13
C GLY A 125 2.28 -7.23 -8.30
N LEU A 126 1.38 -7.74 -7.51
CA LEU A 126 0.54 -6.82 -6.69
C LEU A 126 1.48 -5.93 -5.86
N ALA A 127 2.53 -6.51 -5.34
CA ALA A 127 3.50 -5.72 -4.51
C ALA A 127 4.06 -4.57 -5.34
N ALA A 128 4.58 -4.87 -6.49
CA ALA A 128 5.18 -3.83 -7.35
C ALA A 128 4.14 -2.75 -7.63
N TYR A 129 2.93 -3.12 -7.88
CA TYR A 129 1.91 -2.09 -8.19
C TYR A 129 1.72 -1.22 -6.95
N MET A 130 1.57 -1.84 -5.82
CA MET A 130 1.40 -1.06 -4.58
C MET A 130 2.60 -0.11 -4.42
N ARG A 131 3.80 -0.59 -4.63
CA ARG A 131 5.00 0.28 -4.56
C ARG A 131 4.76 1.53 -5.42
N ASP A 132 4.25 1.35 -6.60
CA ASP A 132 3.96 2.51 -7.48
C ASP A 132 2.95 3.42 -6.78
N ALA A 133 2.01 2.84 -6.12
CA ALA A 133 0.96 3.61 -5.38
C ALA A 133 1.57 4.49 -4.30
N ILE A 134 2.48 3.93 -3.55
CA ILE A 134 3.10 4.66 -2.42
C ILE A 134 3.80 5.93 -2.88
N LEU A 135 4.70 5.82 -3.81
CA LEU A 135 5.46 6.98 -4.30
C LEU A 135 4.54 8.03 -4.92
N ALA A 136 3.63 7.63 -5.75
CA ALA A 136 2.79 8.67 -6.41
C ALA A 136 2.08 9.48 -5.36
N ASN A 137 1.43 8.83 -4.43
CA ASN A 137 0.76 9.56 -3.34
C ASN A 137 1.77 10.41 -2.57
N ALA A 138 2.89 9.82 -2.25
CA ALA A 138 3.92 10.56 -1.48
C ALA A 138 4.42 11.73 -2.31
N VAL A 139 4.75 11.50 -3.55
CA VAL A 139 5.26 12.58 -4.41
C VAL A 139 4.28 13.74 -4.50
N ARG A 140 3.01 13.49 -4.72
CA ARG A 140 2.08 14.66 -4.82
C ARG A 140 2.04 15.37 -3.46
N HIS A 141 2.45 14.69 -2.43
CA HIS A 141 2.44 15.30 -1.06
C HIS A 141 3.84 15.84 -0.76
N THR A 142 4.83 15.00 -0.78
CA THR A 142 6.21 15.46 -0.52
C THR A 142 6.22 16.40 0.70
N PRO A 143 6.43 15.89 1.89
CA PRO A 143 6.45 16.74 3.12
C PRO A 143 7.80 17.44 3.31
#